data_1NP5
# 
_entry.id   1NP5 
# 
_audit_conform.dict_name       mmcif_pdbx.dic 
_audit_conform.dict_version    5.392 
_audit_conform.dict_location   http://mmcif.pdb.org/dictionaries/ascii/mmcif_pdbx.dic 
# 
loop_
_database_2.database_id 
_database_2.database_code 
_database_2.pdbx_database_accession 
_database_2.pdbx_DOI 
PDB   1NP5         pdb_00001np5 10.2210/pdb1np5/pdb 
RCSB  RCSB018071   ?            ?                   
WWPDB D_1000018071 ?            ?                   
# 
loop_
_pdbx_audit_revision_history.ordinal 
_pdbx_audit_revision_history.data_content_type 
_pdbx_audit_revision_history.major_revision 
_pdbx_audit_revision_history.minor_revision 
_pdbx_audit_revision_history.revision_date 
1 'Structure model' 1 0 2003-02-11 
2 'Structure model' 1 1 2008-04-29 
3 'Structure model' 1 2 2011-07-13 
4 'Structure model' 1 3 2022-02-23 
5 'Structure model' 1 4 2024-05-22 
# 
_pdbx_audit_revision_details.ordinal             1 
_pdbx_audit_revision_details.revision_ordinal    1 
_pdbx_audit_revision_details.data_content_type   'Structure model' 
_pdbx_audit_revision_details.provider            repository 
_pdbx_audit_revision_details.type                'Initial release' 
_pdbx_audit_revision_details.description         ? 
_pdbx_audit_revision_details.details             ? 
# 
loop_
_pdbx_audit_revision_group.ordinal 
_pdbx_audit_revision_group.revision_ordinal 
_pdbx_audit_revision_group.data_content_type 
_pdbx_audit_revision_group.group 
1 2 'Structure model' 'Version format compliance' 
2 3 'Structure model' 'Version format compliance' 
3 4 'Structure model' 'Data collection'           
4 4 'Structure model' 'Database references'       
5 4 'Structure model' 'Derived calculations'      
6 5 'Structure model' 'Data collection'           
# 
loop_
_pdbx_audit_revision_category.ordinal 
_pdbx_audit_revision_category.revision_ordinal 
_pdbx_audit_revision_category.data_content_type 
_pdbx_audit_revision_category.category 
1 4 'Structure model' database_2            
2 4 'Structure model' pdbx_nmr_software     
3 4 'Structure model' pdbx_struct_assembly  
4 4 'Structure model' pdbx_struct_oper_list 
5 5 'Structure model' chem_comp_atom        
6 5 'Structure model' chem_comp_bond        
# 
loop_
_pdbx_audit_revision_item.ordinal 
_pdbx_audit_revision_item.revision_ordinal 
_pdbx_audit_revision_item.data_content_type 
_pdbx_audit_revision_item.item 
1 4 'Structure model' '_database_2.pdbx_DOI'                
2 4 'Structure model' '_database_2.pdbx_database_accession' 
3 4 'Structure model' '_pdbx_nmr_software.name'             
# 
_pdbx_database_status.status_code                     REL 
_pdbx_database_status.entry_id                        1NP5 
_pdbx_database_status.recvd_initial_deposition_date   2003-01-17 
_pdbx_database_status.deposit_site                    RCSB 
_pdbx_database_status.process_site                    RCSB 
_pdbx_database_status.status_code_mr                  REL 
_pdbx_database_status.SG_entry                        . 
_pdbx_database_status.pdb_format_compatible           Y 
_pdbx_database_status.status_code_sf                  ? 
_pdbx_database_status.status_code_cs                  ? 
_pdbx_database_status.status_code_nmr_data            ? 
_pdbx_database_status.methods_development_category    ? 
# 
loop_
_audit_author.name 
_audit_author.pdbx_ordinal 
'Zheng, M.' 1 
'Han, X.'   2 
'Gao, X.'   3 
# 
_citation.id                        primary 
_citation.title                     
;Strand polarity of trinucleotide repeat sequences: 
NMR studies of parallel/anti-pararell duplex,{d(GAC)3}2
;
_citation.journal_abbrev            'To be Published' 
_citation.journal_volume            ? 
_citation.page_first                ? 
_citation.page_last                 ? 
_citation.year                      ? 
_citation.journal_id_ASTM           ? 
_citation.country                   ? 
_citation.journal_id_ISSN           ? 
_citation.journal_id_CSD            0353 
_citation.book_publisher            ? 
_citation.pdbx_database_id_PubMed   ? 
_citation.pdbx_database_id_DOI      ? 
# 
loop_
_citation_author.citation_id 
_citation_author.name 
_citation_author.ordinal 
_citation_author.identifier_ORCID 
primary 'Zheng, M.' 1 ? 
primary 'Han, X.'   2 ? 
primary 'Gao, X.'   3 ? 
# 
_entity.id                         1 
_entity.type                       polymer 
_entity.src_method                 syn 
_entity.pdbx_description           "5'-D(*GP*AP*CP*GP*AP*CP*GP*AP*C)-3'" 
_entity.formula_weight             2749.826 
_entity.pdbx_number_of_molecules   2 
_entity.pdbx_ec                    ? 
_entity.pdbx_mutation              ? 
_entity.pdbx_fragment              ? 
_entity.details                    ? 
# 
_entity_poly.entity_id                      1 
_entity_poly.type                           polydeoxyribonucleotide 
_entity_poly.nstd_linkage                   no 
_entity_poly.nstd_monomer                   no 
_entity_poly.pdbx_seq_one_letter_code       '(DG)(DA)(DC)(DG)(DA)(DC)(DG)(DA)(DC)' 
_entity_poly.pdbx_seq_one_letter_code_can   GACGACGAC 
_entity_poly.pdbx_strand_id                 A,B 
_entity_poly.pdbx_target_identifier         ? 
# 
loop_
_entity_poly_seq.entity_id 
_entity_poly_seq.num 
_entity_poly_seq.mon_id 
_entity_poly_seq.hetero 
1 1 DG n 
1 2 DA n 
1 3 DC n 
1 4 DG n 
1 5 DA n 
1 6 DC n 
1 7 DG n 
1 8 DA n 
1 9 DC n 
# 
_pdbx_entity_src_syn.entity_id              1 
_pdbx_entity_src_syn.pdbx_src_id            1 
_pdbx_entity_src_syn.pdbx_alt_source_flag   sample 
_pdbx_entity_src_syn.pdbx_beg_seq_num       ? 
_pdbx_entity_src_syn.pdbx_end_seq_num       ? 
_pdbx_entity_src_syn.organism_scientific    ? 
_pdbx_entity_src_syn.organism_common_name   ? 
_pdbx_entity_src_syn.ncbi_taxonomy_id       ? 
_pdbx_entity_src_syn.details                'This sequence is found in triplet repeat expansion involving neurogenetic diseases.' 
# 
loop_
_chem_comp.id 
_chem_comp.type 
_chem_comp.mon_nstd_flag 
_chem_comp.name 
_chem_comp.pdbx_synonyms 
_chem_comp.formula 
_chem_comp.formula_weight 
DA 'DNA linking' y "2'-DEOXYADENOSINE-5'-MONOPHOSPHATE" ? 'C10 H14 N5 O6 P' 331.222 
DC 'DNA linking' y "2'-DEOXYCYTIDINE-5'-MONOPHOSPHATE"  ? 'C9 H14 N3 O7 P'  307.197 
DG 'DNA linking' y "2'-DEOXYGUANOSINE-5'-MONOPHOSPHATE" ? 'C10 H14 N5 O7 P' 347.221 
# 
loop_
_pdbx_poly_seq_scheme.asym_id 
_pdbx_poly_seq_scheme.entity_id 
_pdbx_poly_seq_scheme.seq_id 
_pdbx_poly_seq_scheme.mon_id 
_pdbx_poly_seq_scheme.ndb_seq_num 
_pdbx_poly_seq_scheme.pdb_seq_num 
_pdbx_poly_seq_scheme.auth_seq_num 
_pdbx_poly_seq_scheme.pdb_mon_id 
_pdbx_poly_seq_scheme.auth_mon_id 
_pdbx_poly_seq_scheme.pdb_strand_id 
_pdbx_poly_seq_scheme.pdb_ins_code 
_pdbx_poly_seq_scheme.hetero 
A 1 1 DG 1 1   1   DG G A . n 
A 1 2 DA 2 2   2   DA A A . n 
A 1 3 DC 3 3   3   DC C A . n 
A 1 4 DG 4 4   4   DG G A . n 
A 1 5 DA 5 5   5   DA A A . n 
A 1 6 DC 6 6   6   DC C A . n 
A 1 7 DG 7 7   7   DG G A . n 
A 1 8 DA 8 8   8   DA A A . n 
A 1 9 DC 9 9   9   DC C A . n 
B 1 1 DG 1 101 101 DG G B . n 
B 1 2 DA 2 102 102 DA A B . n 
B 1 3 DC 3 103 103 DC C B . n 
B 1 4 DG 4 104 104 DG G B . n 
B 1 5 DA 5 105 105 DA A B . n 
B 1 6 DC 6 106 106 DC C B . n 
B 1 7 DG 7 107 107 DG G B . n 
B 1 8 DA 8 108 108 DA A B . n 
B 1 9 DC 9 109 109 DC C B . n 
# 
_exptl.entry_id          1NP5 
_exptl.method            'SOLUTION NMR' 
_exptl.crystals_number   ? 
# 
_exptl_crystal.id                    1 
_exptl_crystal.density_meas          ? 
_exptl_crystal.density_Matthews      ? 
_exptl_crystal.density_percent_sol   ? 
_exptl_crystal.description           ? 
# 
_diffrn.id                     1 
_diffrn.ambient_temp           ? 
_diffrn.ambient_temp_details   ? 
_diffrn.crystal_id             1 
# 
_diffrn_radiation.diffrn_id                        1 
_diffrn_radiation.wavelength_id                    1 
_diffrn_radiation.pdbx_monochromatic_or_laue_m_l   M 
_diffrn_radiation.monochromator                    ? 
_diffrn_radiation.pdbx_diffrn_protocol             'SINGLE WAVELENGTH' 
_diffrn_radiation.pdbx_scattering_type             ? 
# 
_diffrn_radiation_wavelength.id           1 
_diffrn_radiation_wavelength.wavelength   . 
_diffrn_radiation_wavelength.wt           1.0 
# 
_struct.entry_id                  1NP5 
_struct.title                     '(GAC)3 parallel duplex' 
_struct.pdbx_model_details        ? 
_struct.pdbx_CASP_flag            ? 
_struct.pdbx_model_type_details   'minimized average' 
# 
_struct_keywords.entry_id        1NP5 
_struct_keywords.pdbx_keywords   DNA 
_struct_keywords.text            'DNA trinucleotide repeat, parallel duplex, homo-basepair mismatch, NMR solution structure, DNA' 
# 
loop_
_struct_asym.id 
_struct_asym.pdbx_blank_PDB_chainid_flag 
_struct_asym.pdbx_modified 
_struct_asym.entity_id 
_struct_asym.details 
A N N 1 ? 
B N N 1 ? 
# 
_struct_ref.id                         1 
_struct_ref.entity_id                  1 
_struct_ref.db_name                    PDB 
_struct_ref.db_code                    1NP5 
_struct_ref.pdbx_db_accession          1NP5 
_struct_ref.pdbx_db_isoform            ? 
_struct_ref.pdbx_seq_one_letter_code   ? 
_struct_ref.pdbx_align_begin           ? 
# 
loop_
_struct_ref_seq.align_id 
_struct_ref_seq.ref_id 
_struct_ref_seq.pdbx_PDB_id_code 
_struct_ref_seq.pdbx_strand_id 
_struct_ref_seq.seq_align_beg 
_struct_ref_seq.pdbx_seq_align_beg_ins_code 
_struct_ref_seq.seq_align_end 
_struct_ref_seq.pdbx_seq_align_end_ins_code 
_struct_ref_seq.pdbx_db_accession 
_struct_ref_seq.db_align_beg 
_struct_ref_seq.pdbx_db_align_beg_ins_code 
_struct_ref_seq.db_align_end 
_struct_ref_seq.pdbx_db_align_end_ins_code 
_struct_ref_seq.pdbx_auth_seq_align_beg 
_struct_ref_seq.pdbx_auth_seq_align_end 
1 1 1NP5 A 1 ? 9 ? 1NP5 1   ? 9   ? 1   9   
2 1 1NP5 B 1 ? 9 ? 1NP5 101 ? 109 ? 101 109 
# 
_pdbx_struct_assembly.id                   1 
_pdbx_struct_assembly.details              author_defined_assembly 
_pdbx_struct_assembly.method_details       ? 
_pdbx_struct_assembly.oligomeric_details   dimeric 
_pdbx_struct_assembly.oligomeric_count     2 
# 
_pdbx_struct_assembly_gen.assembly_id       1 
_pdbx_struct_assembly_gen.oper_expression   1 
_pdbx_struct_assembly_gen.asym_id_list      A,B 
# 
_pdbx_struct_oper_list.id                   1 
_pdbx_struct_oper_list.type                 'identity operation' 
_pdbx_struct_oper_list.name                 1_555 
_pdbx_struct_oper_list.symmetry_operation   x,y,z 
_pdbx_struct_oper_list.matrix[1][1]         1.0000000000 
_pdbx_struct_oper_list.matrix[1][2]         0.0000000000 
_pdbx_struct_oper_list.matrix[1][3]         0.0000000000 
_pdbx_struct_oper_list.vector[1]            0.0000000000 
_pdbx_struct_oper_list.matrix[2][1]         0.0000000000 
_pdbx_struct_oper_list.matrix[2][2]         1.0000000000 
_pdbx_struct_oper_list.matrix[2][3]         0.0000000000 
_pdbx_struct_oper_list.vector[2]            0.0000000000 
_pdbx_struct_oper_list.matrix[3][1]         0.0000000000 
_pdbx_struct_oper_list.matrix[3][2]         0.0000000000 
_pdbx_struct_oper_list.matrix[3][3]         1.0000000000 
_pdbx_struct_oper_list.vector[3]            0.0000000000 
# 
_struct_biol.id   1 
# 
loop_
_struct_conn.id 
_struct_conn.conn_type_id 
_struct_conn.pdbx_leaving_atom_flag 
_struct_conn.pdbx_PDB_id 
_struct_conn.ptnr1_label_asym_id 
_struct_conn.ptnr1_label_comp_id 
_struct_conn.ptnr1_label_seq_id 
_struct_conn.ptnr1_label_atom_id 
_struct_conn.pdbx_ptnr1_label_alt_id 
_struct_conn.pdbx_ptnr1_PDB_ins_code 
_struct_conn.pdbx_ptnr1_standard_comp_id 
_struct_conn.ptnr1_symmetry 
_struct_conn.ptnr2_label_asym_id 
_struct_conn.ptnr2_label_comp_id 
_struct_conn.ptnr2_label_seq_id 
_struct_conn.ptnr2_label_atom_id 
_struct_conn.pdbx_ptnr2_label_alt_id 
_struct_conn.pdbx_ptnr2_PDB_ins_code 
_struct_conn.ptnr1_auth_asym_id 
_struct_conn.ptnr1_auth_comp_id 
_struct_conn.ptnr1_auth_seq_id 
_struct_conn.ptnr2_auth_asym_id 
_struct_conn.ptnr2_auth_comp_id 
_struct_conn.ptnr2_auth_seq_id 
_struct_conn.ptnr2_symmetry 
_struct_conn.pdbx_ptnr3_label_atom_id 
_struct_conn.pdbx_ptnr3_label_seq_id 
_struct_conn.pdbx_ptnr3_label_comp_id 
_struct_conn.pdbx_ptnr3_label_asym_id 
_struct_conn.pdbx_ptnr3_label_alt_id 
_struct_conn.pdbx_ptnr3_PDB_ins_code 
_struct_conn.details 
_struct_conn.pdbx_dist_value 
_struct_conn.pdbx_value_order 
_struct_conn.pdbx_role 
hydrog1  hydrog ? ? A DG 1 N2 ? ? ? 1_555 B DG 1 N3 ? ? A DG 1 B DG 101 1_555 ? ? ? ? ? ? TYPE_4_PAIR  ? ? ? 
hydrog2  hydrog ? ? A DG 1 N3 ? ? ? 1_555 B DG 1 N2 ? ? A DG 1 B DG 101 1_555 ? ? ? ? ? ? TYPE_4_PAIR  ? ? ? 
hydrog3  hydrog ? ? A DA 2 N6 ? ? ? 1_555 B DA 2 N7 ? ? A DA 2 B DA 102 1_555 ? ? ? ? ? ? TYPE_2_PAIR  ? ? ? 
hydrog4  hydrog ? ? A DA 2 N7 ? ? ? 1_555 B DA 2 N6 ? ? A DA 2 B DA 102 1_555 ? ? ? ? ? ? TYPE_2_PAIR  ? ? ? 
hydrog5  hydrog ? ? A DC 3 N4 ? ? ? 1_555 B DC 3 O2 ? ? A DC 3 B DC 103 1_555 ? ? ? ? ? ? TYPE_15_PAIR ? ? ? 
hydrog6  hydrog ? ? A DC 3 O2 ? ? ? 1_555 B DC 3 N4 ? ? A DC 3 B DC 103 1_555 ? ? ? ? ? ? TYPE_15_PAIR ? ? ? 
hydrog7  hydrog ? ? A DG 4 N2 ? ? ? 1_555 B DG 4 N3 ? ? A DG 4 B DG 104 1_555 ? ? ? ? ? ? TYPE_4_PAIR  ? ? ? 
hydrog8  hydrog ? ? A DG 4 N3 ? ? ? 1_555 B DG 4 N2 ? ? A DG 4 B DG 104 1_555 ? ? ? ? ? ? TYPE_4_PAIR  ? ? ? 
hydrog9  hydrog ? ? A DA 5 N6 ? ? ? 1_555 B DA 5 N7 ? ? A DA 5 B DA 105 1_555 ? ? ? ? ? ? TYPE_2_PAIR  ? ? ? 
hydrog10 hydrog ? ? A DA 5 N7 ? ? ? 1_555 B DA 5 N6 ? ? A DA 5 B DA 105 1_555 ? ? ? ? ? ? TYPE_2_PAIR  ? ? ? 
hydrog11 hydrog ? ? A DC 6 N4 ? ? ? 1_555 B DC 6 O2 ? ? A DC 6 B DC 106 1_555 ? ? ? ? ? ? TYPE_15_PAIR ? ? ? 
hydrog12 hydrog ? ? A DC 6 O2 ? ? ? 1_555 B DC 6 N4 ? ? A DC 6 B DC 106 1_555 ? ? ? ? ? ? TYPE_15_PAIR ? ? ? 
hydrog13 hydrog ? ? A DG 7 N2 ? ? ? 1_555 B DG 7 N3 ? ? A DG 7 B DG 107 1_555 ? ? ? ? ? ? TYPE_4_PAIR  ? ? ? 
hydrog14 hydrog ? ? A DG 7 N3 ? ? ? 1_555 B DG 7 N2 ? ? A DG 7 B DG 107 1_555 ? ? ? ? ? ? TYPE_4_PAIR  ? ? ? 
hydrog15 hydrog ? ? A DA 8 N6 ? ? ? 1_555 B DA 8 N7 ? ? A DA 8 B DA 108 1_555 ? ? ? ? ? ? TYPE_2_PAIR  ? ? ? 
hydrog16 hydrog ? ? A DA 8 N7 ? ? ? 1_555 B DA 8 N6 ? ? A DA 8 B DA 108 1_555 ? ? ? ? ? ? TYPE_2_PAIR  ? ? ? 
hydrog17 hydrog ? ? A DC 9 N4 ? ? ? 1_555 B DC 9 O2 ? ? A DC 9 B DC 109 1_555 ? ? ? ? ? ? TYPE_15_PAIR ? ? ? 
hydrog18 hydrog ? ? A DC 9 O2 ? ? ? 1_555 B DC 9 N4 ? ? A DC 9 B DC 109 1_555 ? ? ? ? ? ? TYPE_15_PAIR ? ? ? 
# 
_struct_conn_type.id          hydrog 
_struct_conn_type.criteria    ? 
_struct_conn_type.reference   ? 
# 
loop_
_pdbx_validate_close_contact.id 
_pdbx_validate_close_contact.PDB_model_num 
_pdbx_validate_close_contact.auth_atom_id_1 
_pdbx_validate_close_contact.auth_asym_id_1 
_pdbx_validate_close_contact.auth_comp_id_1 
_pdbx_validate_close_contact.auth_seq_id_1 
_pdbx_validate_close_contact.PDB_ins_code_1 
_pdbx_validate_close_contact.label_alt_id_1 
_pdbx_validate_close_contact.auth_atom_id_2 
_pdbx_validate_close_contact.auth_asym_id_2 
_pdbx_validate_close_contact.auth_comp_id_2 
_pdbx_validate_close_contact.auth_seq_id_2 
_pdbx_validate_close_contact.PDB_ins_code_2 
_pdbx_validate_close_contact.label_alt_id_2 
_pdbx_validate_close_contact.dist 
1 1 OP1   A DA 2   ? ? H21   B DG 101 ? ? 1.48 
2 1 H21   A DG 1   ? ? OP1   B DA 102 ? ? 1.48 
3 1 "H2'" A DA 8   ? ? "O4'" A DC 9   ? ? 1.54 
4 1 "H2'" B DA 108 ? ? "O4'" B DC 109 ? ? 1.54 
# 
loop_
_pdbx_validate_rmsd_angle.id 
_pdbx_validate_rmsd_angle.PDB_model_num 
_pdbx_validate_rmsd_angle.auth_atom_id_1 
_pdbx_validate_rmsd_angle.auth_asym_id_1 
_pdbx_validate_rmsd_angle.auth_comp_id_1 
_pdbx_validate_rmsd_angle.auth_seq_id_1 
_pdbx_validate_rmsd_angle.PDB_ins_code_1 
_pdbx_validate_rmsd_angle.label_alt_id_1 
_pdbx_validate_rmsd_angle.auth_atom_id_2 
_pdbx_validate_rmsd_angle.auth_asym_id_2 
_pdbx_validate_rmsd_angle.auth_comp_id_2 
_pdbx_validate_rmsd_angle.auth_seq_id_2 
_pdbx_validate_rmsd_angle.PDB_ins_code_2 
_pdbx_validate_rmsd_angle.label_alt_id_2 
_pdbx_validate_rmsd_angle.auth_atom_id_3 
_pdbx_validate_rmsd_angle.auth_asym_id_3 
_pdbx_validate_rmsd_angle.auth_comp_id_3 
_pdbx_validate_rmsd_angle.auth_seq_id_3 
_pdbx_validate_rmsd_angle.PDB_ins_code_3 
_pdbx_validate_rmsd_angle.label_alt_id_3 
_pdbx_validate_rmsd_angle.angle_value 
_pdbx_validate_rmsd_angle.angle_target_value 
_pdbx_validate_rmsd_angle.angle_deviation 
_pdbx_validate_rmsd_angle.angle_standard_deviation 
_pdbx_validate_rmsd_angle.linker_flag 
1  1 "O4'" A DG 1   ? ? "C1'" A DG 1   ? ? N9 A DG 1   ? ? 111.02 108.30 2.72  0.30 N 
2  1 N7    A DG 1   ? ? C8    A DG 1   ? ? N9 A DG 1   ? ? 117.74 113.10 4.64  0.50 N 
3  1 C8    A DG 1   ? ? N9    A DG 1   ? ? C4 A DG 1   ? ? 103.42 106.40 -2.98 0.40 N 
4  1 "O4'" A DA 2   ? ? "C1'" A DA 2   ? ? N9 A DA 2   ? ? 112.61 108.30 4.31  0.30 N 
5  1 N7    A DA 2   ? ? C8    A DA 2   ? ? N9 A DA 2   ? ? 117.93 113.80 4.13  0.50 N 
6  1 "O4'" A DG 4   ? ? "C1'" A DG 4   ? ? N9 A DG 4   ? ? 110.62 108.30 2.32  0.30 N 
7  1 N7    A DG 4   ? ? C8    A DG 4   ? ? N9 A DG 4   ? ? 117.87 113.10 4.77  0.50 N 
8  1 C8    A DG 4   ? ? N9    A DG 4   ? ? C4 A DG 4   ? ? 103.86 106.40 -2.54 0.40 N 
9  1 "O4'" A DA 5   ? ? "C1'" A DA 5   ? ? N9 A DA 5   ? ? 111.49 108.30 3.19  0.30 N 
10 1 N7    A DA 5   ? ? C8    A DA 5   ? ? N9 A DA 5   ? ? 117.73 113.80 3.93  0.50 N 
11 1 "O4'" A DG 7   ? ? "C1'" A DG 7   ? ? N9 A DG 7   ? ? 110.83 108.30 2.53  0.30 N 
12 1 N7    A DG 7   ? ? C8    A DG 7   ? ? N9 A DG 7   ? ? 117.94 113.10 4.84  0.50 N 
13 1 C8    A DG 7   ? ? N9    A DG 7   ? ? C4 A DG 7   ? ? 103.91 106.40 -2.49 0.40 N 
14 1 N7    A DA 8   ? ? C8    A DA 8   ? ? N9 A DA 8   ? ? 117.53 113.80 3.73  0.50 N 
15 1 "O4'" A DC 9   ? ? "C1'" A DC 9   ? ? N1 A DC 9   ? ? 111.15 108.30 2.85  0.30 N 
16 1 "O4'" B DG 101 ? ? "C1'" B DG 101 ? ? N9 B DG 101 ? ? 111.06 108.30 2.76  0.30 N 
17 1 N7    B DG 101 ? ? C8    B DG 101 ? ? N9 B DG 101 ? ? 117.79 113.10 4.69  0.50 N 
18 1 C8    B DG 101 ? ? N9    B DG 101 ? ? C4 B DG 101 ? ? 103.37 106.40 -3.03 0.40 N 
19 1 "O4'" B DA 102 ? ? "C1'" B DA 102 ? ? N9 B DA 102 ? ? 112.58 108.30 4.28  0.30 N 
20 1 N7    B DA 102 ? ? C8    B DA 102 ? ? N9 B DA 102 ? ? 117.89 113.80 4.09  0.50 N 
21 1 "O4'" B DC 103 ? ? "C1'" B DC 103 ? ? N1 B DC 103 ? ? 110.37 108.30 2.07  0.30 N 
22 1 "O4'" B DG 104 ? ? "C1'" B DG 104 ? ? N9 B DG 104 ? ? 110.63 108.30 2.33  0.30 N 
23 1 N7    B DG 104 ? ? C8    B DG 104 ? ? N9 B DG 104 ? ? 117.83 113.10 4.73  0.50 N 
24 1 C8    B DG 104 ? ? N9    B DG 104 ? ? C4 B DG 104 ? ? 103.88 106.40 -2.52 0.40 N 
25 1 "O4'" B DA 105 ? ? "C1'" B DA 105 ? ? N9 B DA 105 ? ? 111.48 108.30 3.18  0.30 N 
26 1 N7    B DA 105 ? ? C8    B DA 105 ? ? N9 B DA 105 ? ? 117.77 113.80 3.97  0.50 N 
27 1 "O4'" B DG 107 ? ? "C1'" B DG 107 ? ? N9 B DG 107 ? ? 110.76 108.30 2.46  0.30 N 
28 1 N7    B DG 107 ? ? C8    B DG 107 ? ? N9 B DG 107 ? ? 117.94 113.10 4.84  0.50 N 
29 1 C8    B DG 107 ? ? N9    B DG 107 ? ? C4 B DG 107 ? ? 103.93 106.40 -2.47 0.40 N 
30 1 N7    B DA 108 ? ? C8    B DA 108 ? ? N9 B DA 108 ? ? 117.48 113.80 3.68  0.50 N 
31 1 "O4'" B DC 109 ? ? "C1'" B DC 109 ? ? N1 B DC 109 ? ? 111.32 108.30 3.02  0.30 N 
# 
loop_
_pdbx_validate_planes.id 
_pdbx_validate_planes.PDB_model_num 
_pdbx_validate_planes.auth_comp_id 
_pdbx_validate_planes.auth_asym_id 
_pdbx_validate_planes.auth_seq_id 
_pdbx_validate_planes.PDB_ins_code 
_pdbx_validate_planes.label_alt_id 
_pdbx_validate_planes.rmsd 
_pdbx_validate_planes.type 
1 1 DA A 2   ? ? 0.071 'SIDE CHAIN' 
2 1 DA A 5   ? ? 0.055 'SIDE CHAIN' 
3 1 DA B 102 ? ? 0.071 'SIDE CHAIN' 
4 1 DA B 105 ? ? 0.055 'SIDE CHAIN' 
# 
_pdbx_nmr_ensemble.entry_id                                      1NP5 
_pdbx_nmr_ensemble.conformers_calculated_total_number            10 
_pdbx_nmr_ensemble.conformers_submitted_total_number             1 
_pdbx_nmr_ensemble.conformer_selection_criteria                  'structures with the least restraint violations' 
_pdbx_nmr_ensemble.average_constraints_per_residue               ? 
_pdbx_nmr_ensemble.average_constraint_violations_per_residue     ? 
_pdbx_nmr_ensemble.maximum_distance_constraint_violation         ? 
_pdbx_nmr_ensemble.average_distance_constraint_violation         ? 
_pdbx_nmr_ensemble.maximum_upper_distance_constraint_violation   ? 
_pdbx_nmr_ensemble.maximum_lower_distance_constraint_violation   ? 
_pdbx_nmr_ensemble.distance_constraint_violation_method          ? 
_pdbx_nmr_ensemble.maximum_torsion_angle_constraint_violation    ? 
_pdbx_nmr_ensemble.average_torsion_angle_constraint_violation    ? 
_pdbx_nmr_ensemble.torsion_angle_constraint_violation_method     ? 
# 
_pdbx_nmr_representative.entry_id             1NP5 
_pdbx_nmr_representative.conformer_id         1 
_pdbx_nmr_representative.selection_criteria   'minimized average structure' 
# 
_pdbx_nmr_sample_details.solution_id      1 
_pdbx_nmr_sample_details.contents         
;2 mM 5'-d(GACGACGAC), 0.1 M NaCl, 10 mM Sodium Phosphate, 0.1 mM EDTA
;
_pdbx_nmr_sample_details.solvent_system   '90 % H20, 10 % D2O' 
# 
_pdbx_nmr_exptl_sample_conditions.conditions_id       1 
_pdbx_nmr_exptl_sample_conditions.temperature         273 
_pdbx_nmr_exptl_sample_conditions.pressure            ambient 
_pdbx_nmr_exptl_sample_conditions.pH                  4.7 
_pdbx_nmr_exptl_sample_conditions.ionic_strength      ? 
_pdbx_nmr_exptl_sample_conditions.pressure_units      ? 
_pdbx_nmr_exptl_sample_conditions.temperature_units   K 
# 
loop_
_pdbx_nmr_exptl.experiment_id 
_pdbx_nmr_exptl.solution_id 
_pdbx_nmr_exptl.conditions_id 
_pdbx_nmr_exptl.type 
1 1 1 '2D NOESY'    
2 1 1 '2D TOCSY'    
3 1 1 DQF-COSY      
4 1 1 COSY-35       
5 1 1 '1H-31P COSY' 
# 
_pdbx_nmr_details.entry_id   1NP5 
_pdbx_nmr_details.text       'This structure was determined using standard 2D homonuclear techniques' 
# 
_pdbx_nmr_refine.entry_id           1NP5 
_pdbx_nmr_refine.method             'distance geometry, restraint molecular dynamics' 
_pdbx_nmr_refine.details            ? 
_pdbx_nmr_refine.software_ordinal   1 
# 
loop_
_pdbx_nmr_software.name 
_pdbx_nmr_software.version 
_pdbx_nmr_software.classification 
_pdbx_nmr_software.authors 
_pdbx_nmr_software.ordinal 
UXNMR     940101 processing           Bruker          1 
Felix     95     processing           Accelrys        2 
X-PLOR    3.01   'structure solution' Brunger         3 
MARDIGRAS 3.0    refinement           'Borgias, B.A.' 4 
# 
loop_
_chem_comp_atom.comp_id 
_chem_comp_atom.atom_id 
_chem_comp_atom.type_symbol 
_chem_comp_atom.pdbx_aromatic_flag 
_chem_comp_atom.pdbx_stereo_config 
_chem_comp_atom.pdbx_ordinal 
DA OP3    O N N 1   
DA P      P N N 2   
DA OP1    O N N 3   
DA OP2    O N N 4   
DA "O5'"  O N N 5   
DA "C5'"  C N N 6   
DA "C4'"  C N R 7   
DA "O4'"  O N N 8   
DA "C3'"  C N S 9   
DA "O3'"  O N N 10  
DA "C2'"  C N N 11  
DA "C1'"  C N R 12  
DA N9     N Y N 13  
DA C8     C Y N 14  
DA N7     N Y N 15  
DA C5     C Y N 16  
DA C6     C Y N 17  
DA N6     N N N 18  
DA N1     N Y N 19  
DA C2     C Y N 20  
DA N3     N Y N 21  
DA C4     C Y N 22  
DA HOP3   H N N 23  
DA HOP2   H N N 24  
DA "H5'"  H N N 25  
DA "H5''" H N N 26  
DA "H4'"  H N N 27  
DA "H3'"  H N N 28  
DA "HO3'" H N N 29  
DA "H2'"  H N N 30  
DA "H2''" H N N 31  
DA "H1'"  H N N 32  
DA H8     H N N 33  
DA H61    H N N 34  
DA H62    H N N 35  
DA H2     H N N 36  
DC OP3    O N N 37  
DC P      P N N 38  
DC OP1    O N N 39  
DC OP2    O N N 40  
DC "O5'"  O N N 41  
DC "C5'"  C N N 42  
DC "C4'"  C N R 43  
DC "O4'"  O N N 44  
DC "C3'"  C N S 45  
DC "O3'"  O N N 46  
DC "C2'"  C N N 47  
DC "C1'"  C N R 48  
DC N1     N N N 49  
DC C2     C N N 50  
DC O2     O N N 51  
DC N3     N N N 52  
DC C4     C N N 53  
DC N4     N N N 54  
DC C5     C N N 55  
DC C6     C N N 56  
DC HOP3   H N N 57  
DC HOP2   H N N 58  
DC "H5'"  H N N 59  
DC "H5''" H N N 60  
DC "H4'"  H N N 61  
DC "H3'"  H N N 62  
DC "HO3'" H N N 63  
DC "H2'"  H N N 64  
DC "H2''" H N N 65  
DC "H1'"  H N N 66  
DC H41    H N N 67  
DC H42    H N N 68  
DC H5     H N N 69  
DC H6     H N N 70  
DG OP3    O N N 71  
DG P      P N N 72  
DG OP1    O N N 73  
DG OP2    O N N 74  
DG "O5'"  O N N 75  
DG "C5'"  C N N 76  
DG "C4'"  C N R 77  
DG "O4'"  O N N 78  
DG "C3'"  C N S 79  
DG "O3'"  O N N 80  
DG "C2'"  C N N 81  
DG "C1'"  C N R 82  
DG N9     N Y N 83  
DG C8     C Y N 84  
DG N7     N Y N 85  
DG C5     C Y N 86  
DG C6     C N N 87  
DG O6     O N N 88  
DG N1     N N N 89  
DG C2     C N N 90  
DG N2     N N N 91  
DG N3     N N N 92  
DG C4     C Y N 93  
DG HOP3   H N N 94  
DG HOP2   H N N 95  
DG "H5'"  H N N 96  
DG "H5''" H N N 97  
DG "H4'"  H N N 98  
DG "H3'"  H N N 99  
DG "HO3'" H N N 100 
DG "H2'"  H N N 101 
DG "H2''" H N N 102 
DG "H1'"  H N N 103 
DG H8     H N N 104 
DG H1     H N N 105 
DG H21    H N N 106 
DG H22    H N N 107 
# 
loop_
_chem_comp_bond.comp_id 
_chem_comp_bond.atom_id_1 
_chem_comp_bond.atom_id_2 
_chem_comp_bond.value_order 
_chem_comp_bond.pdbx_aromatic_flag 
_chem_comp_bond.pdbx_stereo_config 
_chem_comp_bond.pdbx_ordinal 
DA OP3   P      sing N N 1   
DA OP3   HOP3   sing N N 2   
DA P     OP1    doub N N 3   
DA P     OP2    sing N N 4   
DA P     "O5'"  sing N N 5   
DA OP2   HOP2   sing N N 6   
DA "O5'" "C5'"  sing N N 7   
DA "C5'" "C4'"  sing N N 8   
DA "C5'" "H5'"  sing N N 9   
DA "C5'" "H5''" sing N N 10  
DA "C4'" "O4'"  sing N N 11  
DA "C4'" "C3'"  sing N N 12  
DA "C4'" "H4'"  sing N N 13  
DA "O4'" "C1'"  sing N N 14  
DA "C3'" "O3'"  sing N N 15  
DA "C3'" "C2'"  sing N N 16  
DA "C3'" "H3'"  sing N N 17  
DA "O3'" "HO3'" sing N N 18  
DA "C2'" "C1'"  sing N N 19  
DA "C2'" "H2'"  sing N N 20  
DA "C2'" "H2''" sing N N 21  
DA "C1'" N9     sing N N 22  
DA "C1'" "H1'"  sing N N 23  
DA N9    C8     sing Y N 24  
DA N9    C4     sing Y N 25  
DA C8    N7     doub Y N 26  
DA C8    H8     sing N N 27  
DA N7    C5     sing Y N 28  
DA C5    C6     sing Y N 29  
DA C5    C4     doub Y N 30  
DA C6    N6     sing N N 31  
DA C6    N1     doub Y N 32  
DA N6    H61    sing N N 33  
DA N6    H62    sing N N 34  
DA N1    C2     sing Y N 35  
DA C2    N3     doub Y N 36  
DA C2    H2     sing N N 37  
DA N3    C4     sing Y N 38  
DC OP3   P      sing N N 39  
DC OP3   HOP3   sing N N 40  
DC P     OP1    doub N N 41  
DC P     OP2    sing N N 42  
DC P     "O5'"  sing N N 43  
DC OP2   HOP2   sing N N 44  
DC "O5'" "C5'"  sing N N 45  
DC "C5'" "C4'"  sing N N 46  
DC "C5'" "H5'"  sing N N 47  
DC "C5'" "H5''" sing N N 48  
DC "C4'" "O4'"  sing N N 49  
DC "C4'" "C3'"  sing N N 50  
DC "C4'" "H4'"  sing N N 51  
DC "O4'" "C1'"  sing N N 52  
DC "C3'" "O3'"  sing N N 53  
DC "C3'" "C2'"  sing N N 54  
DC "C3'" "H3'"  sing N N 55  
DC "O3'" "HO3'" sing N N 56  
DC "C2'" "C1'"  sing N N 57  
DC "C2'" "H2'"  sing N N 58  
DC "C2'" "H2''" sing N N 59  
DC "C1'" N1     sing N N 60  
DC "C1'" "H1'"  sing N N 61  
DC N1    C2     sing N N 62  
DC N1    C6     sing N N 63  
DC C2    O2     doub N N 64  
DC C2    N3     sing N N 65  
DC N3    C4     doub N N 66  
DC C4    N4     sing N N 67  
DC C4    C5     sing N N 68  
DC N4    H41    sing N N 69  
DC N4    H42    sing N N 70  
DC C5    C6     doub N N 71  
DC C5    H5     sing N N 72  
DC C6    H6     sing N N 73  
DG OP3   P      sing N N 74  
DG OP3   HOP3   sing N N 75  
DG P     OP1    doub N N 76  
DG P     OP2    sing N N 77  
DG P     "O5'"  sing N N 78  
DG OP2   HOP2   sing N N 79  
DG "O5'" "C5'"  sing N N 80  
DG "C5'" "C4'"  sing N N 81  
DG "C5'" "H5'"  sing N N 82  
DG "C5'" "H5''" sing N N 83  
DG "C4'" "O4'"  sing N N 84  
DG "C4'" "C3'"  sing N N 85  
DG "C4'" "H4'"  sing N N 86  
DG "O4'" "C1'"  sing N N 87  
DG "C3'" "O3'"  sing N N 88  
DG "C3'" "C2'"  sing N N 89  
DG "C3'" "H3'"  sing N N 90  
DG "O3'" "HO3'" sing N N 91  
DG "C2'" "C1'"  sing N N 92  
DG "C2'" "H2'"  sing N N 93  
DG "C2'" "H2''" sing N N 94  
DG "C1'" N9     sing N N 95  
DG "C1'" "H1'"  sing N N 96  
DG N9    C8     sing Y N 97  
DG N9    C4     sing Y N 98  
DG C8    N7     doub Y N 99  
DG C8    H8     sing N N 100 
DG N7    C5     sing Y N 101 
DG C5    C6     sing N N 102 
DG C5    C4     doub Y N 103 
DG C6    O6     doub N N 104 
DG C6    N1     sing N N 105 
DG N1    C2     sing N N 106 
DG N1    H1     sing N N 107 
DG C2    N2     sing N N 108 
DG C2    N3     doub N N 109 
DG N2    H21    sing N N 110 
DG N2    H22    sing N N 111 
DG N3    C4     sing N N 112 
# 
loop_
_ndb_struct_conf_na.entry_id 
_ndb_struct_conf_na.feature 
1NP5 'double helix'         
1NP5 'parallel strands'     
1NP5 'mismatched base pair' 
# 
loop_
_ndb_struct_na_base_pair.model_number 
_ndb_struct_na_base_pair.i_label_asym_id 
_ndb_struct_na_base_pair.i_label_comp_id 
_ndb_struct_na_base_pair.i_label_seq_id 
_ndb_struct_na_base_pair.i_symmetry 
_ndb_struct_na_base_pair.j_label_asym_id 
_ndb_struct_na_base_pair.j_label_comp_id 
_ndb_struct_na_base_pair.j_label_seq_id 
_ndb_struct_na_base_pair.j_symmetry 
_ndb_struct_na_base_pair.shear 
_ndb_struct_na_base_pair.stretch 
_ndb_struct_na_base_pair.stagger 
_ndb_struct_na_base_pair.buckle 
_ndb_struct_na_base_pair.propeller 
_ndb_struct_na_base_pair.opening 
_ndb_struct_na_base_pair.pair_number 
_ndb_struct_na_base_pair.pair_name 
_ndb_struct_na_base_pair.i_auth_asym_id 
_ndb_struct_na_base_pair.i_auth_seq_id 
_ndb_struct_na_base_pair.i_PDB_ins_code 
_ndb_struct_na_base_pair.j_auth_asym_id 
_ndb_struct_na_base_pair.j_auth_seq_id 
_ndb_struct_na_base_pair.j_PDB_ins_code 
_ndb_struct_na_base_pair.hbond_type_28 
_ndb_struct_na_base_pair.hbond_type_12 
1 A DG 1 1_555 B DG 1 1_555 -3.205 -7.847 -0.001 -22.889 -19.562 -179.998 1 A_DG1:DG101_B A 1 ? B 101 ? 4  12 
1 A DA 2 1_555 B DA 2 1_555 -7.098 4.087  0.001  -7.337  19.030  -179.993 2 A_DA2:DA102_B A 2 ? B 102 ? 2  8  
1 A DC 3 1_555 B DC 3 1_555 1.888  2.009  0.000  7.250   22.036  179.996  3 A_DC3:DC103_B A 3 ? B 103 ? 15 2  
1 A DG 4 1_555 B DG 4 1_555 -3.486 -7.631 0.000  7.680   -38.789 -179.999 4 A_DG4:DG104_B A 4 ? B 104 ? 4  12 
1 A DA 5 1_555 B DA 5 1_555 -6.298 4.673  0.000  -12.959 24.679  -179.998 5 A_DA5:DA105_B A 5 ? B 105 ? 2  8  
1 A DC 6 1_555 B DC 6 1_555 -2.040 -1.544 0.000  -0.065  -7.635  -179.996 6 A_DC6:DC106_B A 6 ? B 106 ? 15 2  
1 A DG 7 1_555 B DG 7 1_555 3.370  7.490  0.000  -24.869 37.158  179.996  7 A_DG7:DG107_B A 7 ? B 107 ? 4  12 
1 A DA 8 1_555 B DA 8 1_555 5.909  -4.869 0.000  32.920  -32.699 180.000  8 A_DA8:DA108_B A 8 ? B 108 ? 2  7  
1 A DC 9 1_555 B DC 9 1_555 -1.573 -1.527 0.000  4.240   32.862  -179.986 9 A_DC9:DC109_B A 9 ? B 109 ? 15 2  
# 
loop_
_ndb_struct_na_base_pair_step.model_number 
_ndb_struct_na_base_pair_step.i_label_asym_id_1 
_ndb_struct_na_base_pair_step.i_label_comp_id_1 
_ndb_struct_na_base_pair_step.i_label_seq_id_1 
_ndb_struct_na_base_pair_step.i_symmetry_1 
_ndb_struct_na_base_pair_step.j_label_asym_id_1 
_ndb_struct_na_base_pair_step.j_label_comp_id_1 
_ndb_struct_na_base_pair_step.j_label_seq_id_1 
_ndb_struct_na_base_pair_step.j_symmetry_1 
_ndb_struct_na_base_pair_step.i_label_asym_id_2 
_ndb_struct_na_base_pair_step.i_label_comp_id_2 
_ndb_struct_na_base_pair_step.i_label_seq_id_2 
_ndb_struct_na_base_pair_step.i_symmetry_2 
_ndb_struct_na_base_pair_step.j_label_asym_id_2 
_ndb_struct_na_base_pair_step.j_label_comp_id_2 
_ndb_struct_na_base_pair_step.j_label_seq_id_2 
_ndb_struct_na_base_pair_step.j_symmetry_2 
_ndb_struct_na_base_pair_step.shift 
_ndb_struct_na_base_pair_step.slide 
_ndb_struct_na_base_pair_step.rise 
_ndb_struct_na_base_pair_step.tilt 
_ndb_struct_na_base_pair_step.roll 
_ndb_struct_na_base_pair_step.twist 
_ndb_struct_na_base_pair_step.x_displacement 
_ndb_struct_na_base_pair_step.y_displacement 
_ndb_struct_na_base_pair_step.helical_rise 
_ndb_struct_na_base_pair_step.inclination 
_ndb_struct_na_base_pair_step.tip 
_ndb_struct_na_base_pair_step.helical_twist 
_ndb_struct_na_base_pair_step.step_number 
_ndb_struct_na_base_pair_step.step_name 
_ndb_struct_na_base_pair_step.i_auth_asym_id_1 
_ndb_struct_na_base_pair_step.i_auth_seq_id_1 
_ndb_struct_na_base_pair_step.i_PDB_ins_code_1 
_ndb_struct_na_base_pair_step.j_auth_asym_id_1 
_ndb_struct_na_base_pair_step.j_auth_seq_id_1 
_ndb_struct_na_base_pair_step.j_PDB_ins_code_1 
_ndb_struct_na_base_pair_step.i_auth_asym_id_2 
_ndb_struct_na_base_pair_step.i_auth_seq_id_2 
_ndb_struct_na_base_pair_step.i_PDB_ins_code_2 
_ndb_struct_na_base_pair_step.j_auth_asym_id_2 
_ndb_struct_na_base_pair_step.j_auth_seq_id_2 
_ndb_struct_na_base_pair_step.j_PDB_ins_code_2 
1 A DG 1 1_555 B DG 1 1_555 A DA 2 1_555 B DA 2 1_555 0.000 -0.001 3.977 0.000  0.002  -1.385   -0.208 -0.022 3.977 -0.082 -0.011 
-1.385   1 AA_DG1DA2:DA102DG101_BB A 1 ? B 101 ? A 2 ? B 102 ? 
1 A DA 2 1_555 B DA 2 1_555 A DC 3 1_555 B DC 3 1_555 0.000 0.000  2.416 0.004  0.023  -108.394 0.000  0.000  2.416 -0.014 0.003  
-108.394 2 AA_DA2DC3:DC103DA102_BB A 2 ? B 102 ? A 3 ? B 103 ? 
1 A DC 3 1_555 B DC 3 1_555 A DG 4 1_555 B DG 4 1_555 0.000 -0.001 3.384 0.014  0.004  -118.820 0.000  0.000  3.384 -0.002 0.008  
-118.820 3 AA_DC3DG4:DG104DC103_BB A 3 ? B 103 ? A 4 ? B 104 ? 
1 A DG 4 1_555 B DG 4 1_555 A DA 5 1_555 B DA 5 1_555 0.000 0.000  4.819 0.001  0.003  -8.935   -0.012 0.004  4.819 -0.022 0.004  
-8.935   4 AA_DG4DA5:DA105DG104_BB A 4 ? B 104 ? A 5 ? B 105 ? 
1 A DA 5 1_555 B DA 5 1_555 A DC 6 1_555 B DC 6 1_555 0.000 0.000  2.694 0.008  -0.007 69.618   0.000  0.000  2.694 -0.006 -0.007 
69.618   5 AA_DA5DC6:DC106DA105_BB A 5 ? B 105 ? A 6 ? B 106 ? 
1 A DC 6 1_555 B DC 6 1_555 A DG 7 1_555 B DG 7 1_555 0.000 0.000  2.852 -0.008 0.005  -117.530 0.000  0.000  2.852 -0.003 -0.005 
-117.530 6 AA_DC6DG7:DG107DC106_BB A 6 ? B 106 ? A 7 ? B 107 ? 
1 A DG 7 1_555 B DG 7 1_555 A DA 8 1_555 B DA 8 1_555 0.000 0.000  4.968 0.005  -0.005 -10.452  0.012  0.011  4.968 0.027  0.025  
-10.452  7 AA_DG7DA8:DA108DG107_BB A 7 ? B 107 ? A 8 ? B 108 ? 
1 A DA 8 1_555 B DA 8 1_555 A DC 9 1_555 B DC 9 1_555 0.000 0.000  3.131 -0.006 0.006  -111.290 0.000  0.000  3.131 -0.003 -0.003 
-111.290 8 AA_DA8DC9:DC109DA108_BB A 8 ? B 108 ? A 9 ? B 109 ? 
# 
_pdbx_nmr_spectrometer.spectrometer_id   1 
_pdbx_nmr_spectrometer.type              ? 
_pdbx_nmr_spectrometer.manufacturer      Bruker 
_pdbx_nmr_spectrometer.model             AMX 
_pdbx_nmr_spectrometer.field_strength    600 
# 
_atom_sites.entry_id                    1NP5 
_atom_sites.fract_transf_matrix[1][1]   1.000000 
_atom_sites.fract_transf_matrix[1][2]   0.000000 
_atom_sites.fract_transf_matrix[1][3]   0.000000 
_atom_sites.fract_transf_matrix[2][1]   0.000000 
_atom_sites.fract_transf_matrix[2][2]   1.000000 
_atom_sites.fract_transf_matrix[2][3]   0.000000 
_atom_sites.fract_transf_matrix[3][1]   0.000000 
_atom_sites.fract_transf_matrix[3][2]   0.000000 
_atom_sites.fract_transf_matrix[3][3]   1.000000 
_atom_sites.fract_transf_vector[1]      0.00000 
_atom_sites.fract_transf_vector[2]      0.00000 
_atom_sites.fract_transf_vector[3]      0.00000 
# 
loop_
_atom_type.symbol 
C 
H 
N 
O 
P 
# 
loop_
_atom_site.group_PDB 
_atom_site.id 
_atom_site.type_symbol 
_atom_site.label_atom_id 
_atom_site.label_alt_id 
_atom_site.label_comp_id 
_atom_site.label_asym_id 
_atom_site.label_entity_id 
_atom_site.label_seq_id 
_atom_site.pdbx_PDB_ins_code 
_atom_site.Cartn_x 
_atom_site.Cartn_y 
_atom_site.Cartn_z 
_atom_site.occupancy 
_atom_site.B_iso_or_equiv 
_atom_site.pdbx_formal_charge 
_atom_site.auth_seq_id 
_atom_site.auth_comp_id 
_atom_site.auth_asym_id 
_atom_site.auth_atom_id 
_atom_site.pdbx_PDB_model_num 
ATOM 1   O "O5'"  . DG A 1 1 ? 15.171  1.437  1.600   1.00 0.37 ? 1   DG A "O5'"  1 
ATOM 2   C "C5'"  . DG A 1 1 ? 15.772  0.743  2.696   1.00 0.32 ? 1   DG A "C5'"  1 
ATOM 3   C "C4'"  . DG A 1 1 ? 14.844  0.678  3.909   1.00 0.23 ? 1   DG A "C4'"  1 
ATOM 4   O "O4'"  . DG A 1 1 ? 14.552  1.994  4.438   1.00 0.24 ? 1   DG A "O4'"  1 
ATOM 5   C "C3'"  . DG A 1 1 ? 13.511  0.029  3.545   1.00 0.20 ? 1   DG A "C3'"  1 
ATOM 6   O "O3'"  . DG A 1 1 ? 13.237  -1.093 4.397   1.00 0.19 ? 1   DG A "O3'"  1 
ATOM 7   C "C2'"  . DG A 1 1 ? 12.478  1.114  3.714   1.00 0.18 ? 1   DG A "C2'"  1 
ATOM 8   C "C1'"  . DG A 1 1 ? 13.124  2.136  4.611   1.00 0.17 ? 1   DG A "C1'"  1 
ATOM 9   N N9     . DG A 1 1 ? 12.687  3.524  4.319   1.00 0.18 ? 1   DG A N9     1 
ATOM 10  C C8     . DG A 1 1 ? 12.853  4.279  3.201   1.00 0.22 ? 1   DG A C8     1 
ATOM 11  N N7     . DG A 1 1 ? 12.448  5.502  3.237   1.00 0.23 ? 1   DG A N7     1 
ATOM 12  C C5     . DG A 1 1 ? 11.937  5.597  4.534   1.00 0.20 ? 1   DG A C5     1 
ATOM 13  C C6     . DG A 1 1 ? 11.336  6.700  5.197   1.00 0.23 ? 1   DG A C6     1 
ATOM 14  O O6     . DG A 1 1 ? 11.138  7.833  4.768   1.00 0.26 ? 1   DG A O6     1 
ATOM 15  N N1     . DG A 1 1 ? 10.958  6.372  6.490   1.00 0.24 ? 1   DG A N1     1 
ATOM 16  C C2     . DG A 1 1 ? 11.135  5.140  7.078   1.00 0.24 ? 1   DG A C2     1 
ATOM 17  N N2     . DG A 1 1 ? 10.696  5.014  8.322   1.00 0.29 ? 1   DG A N2     1 
ATOM 18  N N3     . DG A 1 1 ? 11.701  4.097  6.466   1.00 0.20 ? 1   DG A N3     1 
ATOM 19  C C4     . DG A 1 1 ? 12.077  4.389  5.202   1.00 0.18 ? 1   DG A C4     1 
ATOM 20  H "H5'"  . DG A 1 1 ? 16.694  1.254  2.980   1.00 0.38 ? 1   DG A "H5'"  1 
ATOM 21  H "H5''" . DG A 1 1 ? 16.016  -0.273 2.381   1.00 0.36 ? 1   DG A "H5''" 1 
ATOM 22  H "H4'"  . DG A 1 1 ? 15.330  0.088  4.684   1.00 0.23 ? 1   DG A "H4'"  1 
ATOM 23  H "H3'"  . DG A 1 1 ? 13.520  -0.293 2.508   1.00 0.25 ? 1   DG A "H3'"  1 
ATOM 24  H "H2'"  . DG A 1 1 ? 12.240  1.558  2.747   1.00 0.21 ? 1   DG A "H2'"  1 
ATOM 25  H "H2''" . DG A 1 1 ? 11.579  0.713  4.179   1.00 0.18 ? 1   DG A "H2''" 1 
ATOM 26  H "H1'"  . DG A 1 1 ? 12.858  1.883  5.632   1.00 0.18 ? 1   DG A "H1'"  1 
ATOM 27  H H8     . DG A 1 1 ? 13.292  3.866  2.298   1.00 0.26 ? 1   DG A H8     1 
ATOM 28  H H1     . DG A 1 1 ? 10.518  7.107  7.021   1.00 0.29 ? 1   DG A H1     1 
ATOM 29  H H21    . DG A 1 1 ? 10.265  5.802  8.793   1.00 0.34 ? 1   DG A H21    1 
ATOM 30  H H22    . DG A 1 1 ? 10.779  4.125  8.799   1.00 0.30 ? 1   DG A H22    1 
ATOM 31  H "HO5'" . DG A 1 1 ? 15.616  1.144  0.801   1.00 0.58 ? 1   DG A "HO5'" 1 
ATOM 32  P P      . DA A 1 2 ? 13.648  -1.128 5.965   1.00 0.18 ? 2   DA A P      1 
ATOM 33  O OP1    . DA A 1 2 ? 13.260  0.154  6.593   1.00 0.21 ? 2   DA A OP1    1 
ATOM 34  O OP2    . DA A 1 2 ? 15.040  -1.617 6.074   1.00 0.23 ? 2   DA A OP2    1 
ATOM 35  O "O5'"  . DA A 1 2 ? 12.665  -2.266 6.513   1.00 0.21 ? 2   DA A "O5'"  1 
ATOM 36  C "C5'"  . DA A 1 2 ? 11.579  -2.669 5.685   1.00 0.18 ? 2   DA A "C5'"  1 
ATOM 37  C "C4'"  . DA A 1 2 ? 10.405  -3.212 6.493   1.00 0.17 ? 2   DA A "C4'"  1 
ATOM 38  O "O4'"  . DA A 1 2 ? 10.047  -2.314 7.568   1.00 0.16 ? 2   DA A "O4'"  1 
ATOM 39  C "C3'"  . DA A 1 2 ? 9.174   -3.381 5.608   1.00 0.16 ? 2   DA A "C3'"  1 
ATOM 40  O "O3'"  . DA A 1 2 ? 8.750   -4.735 5.541   1.00 0.19 ? 2   DA A "O3'"  1 
ATOM 41  C "C2'"  . DA A 1 2 ? 8.097   -2.589 6.257   1.00 0.15 ? 2   DA A "C2'"  1 
ATOM 42  C "C1'"  . DA A 1 2 ? 8.632   -2.021 7.505   1.00 0.15 ? 2   DA A "C1'"  1 
ATOM 43  N N9     . DA A 1 2 ? 8.363   -0.610 7.399   1.00 0.14 ? 2   DA A N9     1 
ATOM 44  C C8     . DA A 1 2 ? 8.774   0.219  6.434   1.00 0.15 ? 2   DA A C8     1 
ATOM 45  N N7     . DA A 1 2 ? 8.227   1.373  6.363   1.00 0.16 ? 2   DA A N7     1 
ATOM 46  C C5     . DA A 1 2 ? 7.319   1.311  7.415   1.00 0.15 ? 2   DA A C5     1 
ATOM 47  C C6     . DA A 1 2 ? 6.375   2.210  7.911   1.00 0.16 ? 2   DA A C6     1 
ATOM 48  N N6     . DA A 1 2 ? 6.140   3.396  7.364   1.00 0.19 ? 2   DA A N6     1 
ATOM 49  N N1     . DA A 1 2 ? 5.649   1.812  8.959   1.00 0.17 ? 2   DA A N1     1 
ATOM 50  C C2     . DA A 1 2 ? 5.840   0.600  9.479   1.00 0.17 ? 2   DA A C2     1 
ATOM 51  N N3     . DA A 1 2 ? 6.695   -0.321 9.091   1.00 0.16 ? 2   DA A N3     1 
ATOM 52  C C4     . DA A 1 2 ? 7.407   0.101  8.051   1.00 0.14 ? 2   DA A C4     1 
ATOM 53  H "H5'"  . DA A 1 2 ? 11.933  -3.438 4.999   1.00 0.20 ? 2   DA A "H5'"  1 
ATOM 54  H "H5''" . DA A 1 2 ? 11.249  -1.805 5.107   1.00 0.18 ? 2   DA A "H5''" 1 
ATOM 55  H "H4'"  . DA A 1 2 ? 10.679  -4.178 6.914   1.00 0.19 ? 2   DA A "H4'"  1 
ATOM 56  H "H3'"  . DA A 1 2 ? 9.369   -2.998 4.607   1.00 0.18 ? 2   DA A "H3'"  1 
ATOM 57  H "H2'"  . DA A 1 2 ? 7.755   -1.766 5.650   1.00 0.15 ? 2   DA A "H2'"  1 
ATOM 58  H "H2''" . DA A 1 2 ? 7.290   -3.227 6.472   1.00 0.15 ? 2   DA A "H2''" 1 
ATOM 59  H "H1'"  . DA A 1 2 ? 8.102   -2.452 8.341   1.00 0.16 ? 2   DA A "H1'"  1 
ATOM 60  H H8     . DA A 1 2 ? 9.458   -0.135 5.673   1.00 0.16 ? 2   DA A H8     1 
ATOM 61  H H61    . DA A 1 2 ? 5.446   4.009  7.766   1.00 0.21 ? 2   DA A H61    1 
ATOM 62  H H62    . DA A 1 2 ? 6.650   3.678  6.541   1.00 0.21 ? 2   DA A H62    1 
ATOM 63  H H2     . DA A 1 2 ? 5.222   0.333  10.303  1.00 0.20 ? 2   DA A H2     1 
ATOM 64  P P      . DC A 1 3 ? 8.370   -5.552 6.880   1.00 0.21 ? 3   DC A P      1 
ATOM 65  O OP1    . DC A 1 3 ? 9.585   -5.643 7.722   1.00 0.25 ? 3   DC A OP1    1 
ATOM 66  O OP2    . DC A 1 3 ? 7.692   -6.803 6.467   1.00 0.27 ? 3   DC A OP2    1 
ATOM 67  O "O5'"  . DC A 1 3 ? 7.283   -4.648 7.701   1.00 0.17 ? 3   DC A "O5'"  1 
ATOM 68  C "C5'"  . DC A 1 3 ? 5.899   -5.037 7.711   1.00 0.16 ? 3   DC A "C5'"  1 
ATOM 69  C "C4'"  . DC A 1 3 ? 4.852   -3.928 7.795   1.00 0.15 ? 3   DC A "C4'"  1 
ATOM 70  O "O4'"  . DC A 1 3 ? 5.325   -2.660 7.314   1.00 0.13 ? 3   DC A "O4'"  1 
ATOM 71  C "C3'"  . DC A 1 3 ? 3.594   -4.308 7.024   1.00 0.15 ? 3   DC A "C3'"  1 
ATOM 72  O "O3'"  . DC A 1 3 ? 2.413   -4.165 7.841   1.00 0.17 ? 3   DC A "O3'"  1 
ATOM 73  C "C2'"  . DC A 1 3 ? 3.589   -3.361 5.868   1.00 0.14 ? 3   DC A "C2'"  1 
ATOM 74  C "C1'"  . DC A 1 3 ? 4.421   -2.179 6.310   1.00 0.12 ? 3   DC A "C1'"  1 
ATOM 75  N N1     . DC A 1 3 ? 5.161   -1.642 5.194   1.00 0.12 ? 3   DC A N1     1 
ATOM 76  C C2     . DC A 1 3 ? 5.214   -0.266 5.029   1.00 0.13 ? 3   DC A C2     1 
ATOM 77  O O2     . DC A 1 3 ? 4.622   0.480  5.810   1.00 0.15 ? 3   DC A O2     1 
ATOM 78  N N3     . DC A 1 3 ? 5.930   0.223  3.985   1.00 0.15 ? 3   DC A N3     1 
ATOM 79  C C4     . DC A 1 3 ? 6.558   -0.608 3.148   1.00 0.16 ? 3   DC A C4     1 
ATOM 80  N N4     . DC A 1 3 ? 7.258   -0.098 2.138   1.00 0.18 ? 3   DC A N4     1 
ATOM 81  C C5     . DC A 1 3 ? 6.489   -2.031 3.333   1.00 0.15 ? 3   DC A C5     1 
ATOM 82  C C6     . DC A 1 3 ? 5.783   -2.494 4.367   1.00 0.14 ? 3   DC A C6     1 
ATOM 83  H "H5'"  . DC A 1 3 ? 5.759   -5.659 8.535   1.00 0.19 ? 3   DC A "H5'"  1 
ATOM 84  H "H5''" . DC A 1 3 ? 5.708   -5.607 6.817   1.00 0.17 ? 3   DC A "H5''" 1 
ATOM 85  H "H4'"  . DC A 1 3 ? 4.563   -3.826 8.840   1.00 0.17 ? 3   DC A "H4'"  1 
ATOM 86  H "H3'"  . DC A 1 3 ? 3.669   -5.334 6.658   1.00 0.17 ? 3   DC A "H3'"  1 
ATOM 87  H "H2'"  . DC A 1 3 ? 4.027   -3.842 5.002   1.00 0.16 ? 3   DC A "H2'"  1 
ATOM 88  H "H2''" . DC A 1 3 ? 2.611   -3.040 5.630   1.00 0.14 ? 3   DC A "H2''" 1 
ATOM 89  H "H1'"  . DC A 1 3 ? 3.767   -1.414 6.723   1.00 0.13 ? 3   DC A "H1'"  1 
ATOM 90  H H41    . DC A 1 3 ? 7.301   0.905  2.010   1.00 0.21 ? 3   DC A H41    1 
ATOM 91  H H42    . DC A 1 3 ? 7.743   -0.710 1.498   1.00 0.20 ? 3   DC A H42    1 
ATOM 92  H H5     . DC A 1 3 ? 6.972   -2.707 2.656   1.00 0.17 ? 3   DC A H5     1 
ATOM 93  H H6     . DC A 1 3 ? 5.701   -3.585 4.562   1.00 0.15 ? 3   DC A H6     1 
ATOM 94  P P      . DG A 1 4 ? 1.905   -2.726 8.374   1.00 0.17 ? 4   DG A P      1 
ATOM 95  O OP1    . DG A 1 4 ? 3.020   -2.069 9.091   1.00 0.21 ? 4   DG A OP1    1 
ATOM 96  O OP2    . DG A 1 4 ? 0.604   -2.919 9.054   1.00 0.24 ? 4   DG A OP2    1 
ATOM 97  O "O5'"  . DG A 1 4 ? 1.640   -1.925 7.003   1.00 0.16 ? 4   DG A "O5'"  1 
ATOM 98  C "C5'"  . DG A 1 4 ? 1.089   -0.605 7.012   1.00 0.14 ? 4   DG A "C5'"  1 
ATOM 99  C "C4'"  . DG A 1 4 ? 0.129   -0.398 5.853   1.00 0.11 ? 4   DG A "C4'"  1 
ATOM 100 O "O4'"  . DG A 1 4 ? 0.837   -0.483 4.606   1.00 0.12 ? 4   DG A "O4'"  1 
ATOM 101 C "C3'"  . DG A 1 4 ? -0.948  -1.466 5.860   1.00 0.12 ? 4   DG A "C3'"  1 
ATOM 102 O "O3'"  . DG A 1 4 ? -2.245  -0.892 5.795   1.00 0.15 ? 4   DG A "O3'"  1 
ATOM 103 C "C2'"  . DG A 1 4 ? -0.654  -2.338 4.680   1.00 0.12 ? 4   DG A "C2'"  1 
ATOM 104 C "C1'"  . DG A 1 4 ? 0.319   -1.559 3.813   1.00 0.11 ? 4   DG A "C1'"  1 
ATOM 105 N N9     . DG A 1 4 ? 1.410   -2.418 3.330   1.00 0.10 ? 4   DG A N9     1 
ATOM 106 C C8     . DG A 1 4 ? 1.620   -3.731 3.542   1.00 0.12 ? 4   DG A C8     1 
ATOM 107 N N7     . DG A 1 4 ? 2.650   -4.275 2.984   1.00 0.14 ? 4   DG A N7     1 
ATOM 108 C C5     . DG A 1 4 ? 3.213   -3.184 2.314   1.00 0.12 ? 4   DG A C5     1 
ATOM 109 C C6     . DG A 1 4 ? 4.379   -3.107 1.504   1.00 0.15 ? 4   DG A C6     1 
ATOM 110 O O6     . DG A 1 4 ? 5.169   -3.999 1.214   1.00 0.19 ? 4   DG A O6     1 
ATOM 111 N N1     . DG A 1 4 ? 4.582   -1.822 1.031   1.00 0.15 ? 4   DG A N1     1 
ATOM 112 C C2     . DG A 1 4 ? 3.773   -0.741 1.300   1.00 0.15 ? 4   DG A C2     1 
ATOM 113 N N2     . DG A 1 4 ? 4.145   0.413  0.779   1.00 0.19 ? 4   DG A N2     1 
ATOM 114 N N3     . DG A 1 4 ? 2.678   -0.802 2.052   1.00 0.12 ? 4   DG A N3     1 
ATOM 115 C C4     . DG A 1 4 ? 2.456   -2.043 2.525   1.00 0.10 ? 4   DG A C4     1 
ATOM 116 H "H5'"  . DG A 1 4 ? 1.895   0.117  6.927   1.00 0.17 ? 4   DG A "H5'"  1 
ATOM 117 H "H5''" . DG A 1 4 ? 0.557   -0.447 7.946   1.00 0.17 ? 4   DG A "H5''" 1 
ATOM 118 H "H4'"  . DG A 1 4 ? -0.334  0.581  5.934   1.00 0.13 ? 4   DG A "H4'"  1 
ATOM 119 H "H3'"  . DG A 1 4 ? -0.862  -2.048 6.758   1.00 0.13 ? 4   DG A "H3'"  1 
ATOM 120 H "H2'"  . DG A 1 4 ? -0.195  -3.255 5.027   1.00 0.14 ? 4   DG A "H2'"  1 
ATOM 121 H "H2''" . DG A 1 4 ? -1.555  -2.567 4.125   1.00 0.15 ? 4   DG A "H2''" 1 
ATOM 122 H "H1'"  . DG A 1 4 ? -0.213  -1.145 2.965   1.00 0.13 ? 4   DG A "H1'"  1 
ATOM 123 H H8     . DG A 1 4 ? 0.959   -4.296 4.192   1.00 0.13 ? 4   DG A H8     1 
ATOM 124 H H1     . DG A 1 4 ? 5.389   -1.690 0.443   1.00 0.18 ? 4   DG A H1     1 
ATOM 125 H H21    . DG A 1 4 ? 4.974   0.468  0.205   1.00 0.21 ? 4   DG A H21    1 
ATOM 126 H H22    . DG A 1 4 ? 3.594   1.244  0.950   1.00 0.20 ? 4   DG A H22    1 
ATOM 127 P P      . DA A 1 5 ? -2.818  -0.057 7.050   1.00 0.16 ? 5   DA A P      1 
ATOM 128 O OP1    . DA A 1 5 ? -1.711  0.206  7.997   1.00 0.20 ? 5   DA A OP1    1 
ATOM 129 O OP2    . DA A 1 5 ? -4.056  -0.715 7.519   1.00 0.22 ? 5   DA A OP2    1 
ATOM 130 O "O5'"  . DA A 1 5 ? -3.216  1.318  6.344   1.00 0.15 ? 5   DA A "O5'"  1 
ATOM 131 C "C5'"  . DA A 1 5 ? -3.959  1.263  5.136   1.00 0.13 ? 5   DA A "C5'"  1 
ATOM 132 C "C4'"  . DA A 1 5 ? -3.877  2.578  4.356   1.00 0.12 ? 5   DA A "C4'"  1 
ATOM 133 O "O4'"  . DA A 1 5 ? -2.519  2.982  4.045   1.00 0.13 ? 5   DA A "O4'"  1 
ATOM 134 C "C3'"  . DA A 1 5 ? -4.600  2.514  3.030   1.00 0.12 ? 5   DA A "C3'"  1 
ATOM 135 O "O3'"  . DA A 1 5 ? -5.998  2.740  3.166   1.00 0.16 ? 5   DA A "O3'"  1 
ATOM 136 C "C2'"  . DA A 1 5 ? -3.939  3.600  2.255   1.00 0.12 ? 5   DA A "C2'"  1 
ATOM 137 C "C1'"  . DA A 1 5 ? -2.520  3.604  2.725   1.00 0.12 ? 5   DA A "C1'"  1 
ATOM 138 N N9     . DA A 1 5 ? -1.736  2.835  1.775   1.00 0.11 ? 5   DA A N9     1 
ATOM 139 C C8     . DA A 1 5 ? -1.449  1.532  1.813   1.00 0.12 ? 5   DA A C8     1 
ATOM 140 N N7     . DA A 1 5 ? -0.910  1.004  0.763   1.00 0.12 ? 5   DA A N7     1 
ATOM 141 C C5     . DA A 1 5 ? -0.828  2.113  -0.090  1.00 0.10 ? 5   DA A C5     1 
ATOM 142 C C6     . DA A 1 5 ? -0.358  2.279  -1.397  1.00 0.11 ? 5   DA A C6     1 
ATOM 143 N N6     . DA A 1 5 ? 0.116   1.279  -2.133  1.00 0.13 ? 5   DA A N6     1 
ATOM 144 N N1     . DA A 1 5 ? -0.426  3.513  -1.928  1.00 0.11 ? 5   DA A N1     1 
ATOM 145 C C2     . DA A 1 5 ? -0.931  4.525  -1.220  1.00 0.12 ? 5   DA A C2     1 
ATOM 146 N N3     . DA A 1 5 ? -1.407  4.478  0.019   1.00 0.12 ? 5   DA A N3     1 
ATOM 147 C C4     . DA A 1 5 ? -1.325  3.233  0.527   1.00 0.10 ? 5   DA A C4     1 
ATOM 148 H "H5'"  . DA A 1 5 ? -4.999  1.061  5.388   1.00 0.15 ? 5   DA A "H5'"  1 
ATOM 149 H "H5''" . DA A 1 5 ? -3.578  0.440  4.534   1.00 0.13 ? 5   DA A "H5''" 1 
ATOM 150 H "H4'"  . DA A 1 5 ? -4.336  3.358  4.949   1.00 0.14 ? 5   DA A "H4'"  1 
ATOM 151 H "H3'"  . DA A 1 5 ? -4.405  1.565  2.538   1.00 0.14 ? 5   DA A "H3'"  1 
ATOM 152 H "H2'"  . DA A 1 5 ? -3.993  3.421  1.192   1.00 0.13 ? 5   DA A "H2'"  1 
ATOM 153 H "H2''" . DA A 1 5 ? -4.398  4.536  2.484   1.00 0.14 ? 5   DA A "H2''" 1 
ATOM 154 H "H1'"  . DA A 1 5 ? -2.158  4.619  2.775   1.00 0.14 ? 5   DA A "H1'"  1 
ATOM 155 H H8     . DA A 1 5 ? -1.696  0.948  2.697   1.00 0.14 ? 5   DA A H8     1 
ATOM 156 H H61    . DA A 1 5 ? 0.443   1.455  -3.072  1.00 0.14 ? 5   DA A H61    1 
ATOM 157 H H62    . DA A 1 5 ? 0.148   0.344  -1.751  1.00 0.14 ? 5   DA A H62    1 
ATOM 158 H H2     . DA A 1 5 ? -0.951  5.499  -1.710  1.00 0.15 ? 5   DA A H2     1 
ATOM 159 P P      . DC A 1 6 ? -6.543  4.201  3.529   1.00 0.19 ? 6   DC A P      1 
ATOM 160 O OP1    . DC A 1 6 ? -5.936  4.623  4.812   1.00 0.22 ? 6   DC A OP1    1 
ATOM 161 O OP2    . DC A 1 6 ? -8.017  4.195  3.383   1.00 0.26 ? 6   DC A OP2    1 
ATOM 162 O "O5'"  . DC A 1 6 ? -5.928  5.131  2.356   1.00 0.17 ? 6   DC A "O5'"  1 
ATOM 163 C "C5'"  . DC A 1 6 ? -6.566  5.169  1.081   1.00 0.16 ? 6   DC A "C5'"  1 
ATOM 164 C "C4'"  . DC A 1 6 ? -5.651  5.207  -0.148  1.00 0.15 ? 6   DC A "C4'"  1 
ATOM 165 O "O4'"  . DC A 1 6 ? -4.646  4.177  -0.162  1.00 0.14 ? 6   DC A "O4'"  1 
ATOM 166 C "C3'"  . DC A 1 6 ? -6.517  5.036  -1.379  1.00 0.16 ? 6   DC A "C3'"  1 
ATOM 167 O "O3'"  . DC A 1 6 ? -6.278  6.102  -2.320  1.00 0.18 ? 6   DC A "O3'"  1 
ATOM 168 C "C2'"  . DC A 1 6 ? -6.158  3.674  -1.911  1.00 0.14 ? 6   DC A "C2'"  1 
ATOM 169 C "C1'"  . DC A 1 6 ? -4.805  3.354  -1.335  1.00 0.14 ? 6   DC A "C1'"  1 
ATOM 170 N N1     . DC A 1 6 ? -4.699  1.947  -0.943  1.00 0.14 ? 6   DC A N1     1 
ATOM 171 C C2     . DC A 1 6 ? -3.836  1.124  -1.646  1.00 0.18 ? 6   DC A C2     1 
ATOM 172 O O2     . DC A 1 6 ? -3.223  1.553  -2.619  1.00 0.22 ? 6   DC A O2     1 
ATOM 173 N N3     . DC A 1 6 ? -3.689  -0.161 -1.221  1.00 0.20 ? 6   DC A N3     1 
ATOM 174 C C4     . DC A 1 6 ? -4.359  -0.611 -0.154  1.00 0.17 ? 6   DC A C4     1 
ATOM 175 N N4     . DC A 1 6 ? -4.184  -1.870 0.239   1.00 0.20 ? 6   DC A N4     1 
ATOM 176 C C5     . DC A 1 6 ? -5.254  0.244  0.566   1.00 0.13 ? 6   DC A C5     1 
ATOM 177 C C6     . DC A 1 6 ? -5.390  1.505  0.132   1.00 0.12 ? 6   DC A C6     1 
ATOM 178 H "H5'"  . DC A 1 6 ? -7.159  6.032  1.058   1.00 0.17 ? 6   DC A "H5'"  1 
ATOM 179 H "H5''" . DC A 1 6 ? -7.222  4.301  0.995   1.00 0.18 ? 6   DC A "H5''" 1 
ATOM 180 H "H4'"  . DC A 1 6 ? -5.161  6.177  -0.201  1.00 0.16 ? 6   DC A "H4'"  1 
ATOM 181 H "H3'"  . DC A 1 6 ? -7.569  5.039  -1.082  1.00 0.19 ? 6   DC A "H3'"  1 
ATOM 182 H "H2'"  . DC A 1 6 ? -6.881  2.947  -1.565  1.00 0.15 ? 6   DC A "H2'"  1 
ATOM 183 H "H2''" . DC A 1 6 ? -6.121  3.673  -2.988  1.00 0.15 ? 6   DC A "H2''" 1 
ATOM 184 H "H1'"  . DC A 1 6 ? -4.044  3.596  -2.077  1.00 0.15 ? 6   DC A "H1'"  1 
ATOM 185 H H41    . DC A 1 6 ? -3.551  -2.473 -0.270  1.00 0.24 ? 6   DC A H41    1 
ATOM 186 H H42    . DC A 1 6 ? -4.680  -2.224 1.044   1.00 0.21 ? 6   DC A H42    1 
ATOM 187 H H5     . DC A 1 6 ? -5.792  -0.107 1.444   1.00 0.15 ? 6   DC A H5     1 
ATOM 188 H H6     . DC A 1 6 ? -6.071  2.191  0.641   1.00 0.14 ? 6   DC A H6     1 
ATOM 189 P P      . DG A 1 7 ? -5.259  5.947  -3.556  1.00 0.17 ? 7   DG A P      1 
ATOM 190 O OP1    . DG A 1 7 ? -3.954  5.483  -3.037  1.00 0.19 ? 7   DG A OP1    1 
ATOM 191 O OP2    . DG A 1 7 ? -5.334  7.176  -4.379  1.00 0.22 ? 7   DG A OP2    1 
ATOM 192 O "O5'"  . DG A 1 7 ? -5.939  4.746  -4.378  1.00 0.16 ? 7   DG A "O5'"  1 
ATOM 193 C "C5'"  . DG A 1 7 ? -5.187  3.989  -5.321  1.00 0.14 ? 7   DG A "C5'"  1 
ATOM 194 C "C4'"  . DG A 1 7 ? -6.078  3.050  -6.113  1.00 0.13 ? 7   DG A "C4'"  1 
ATOM 195 O "O4'"  . DG A 1 7 ? -6.252  1.802  -5.410  1.00 0.14 ? 7   DG A "O4'"  1 
ATOM 196 C "C3'"  . DG A 1 7 ? -7.449  3.682  -6.320  1.00 0.14 ? 7   DG A "C3'"  1 
ATOM 197 O "O3'"  . DG A 1 7 ? -7.748  3.937  -7.694  1.00 0.21 ? 7   DG A "O3'"  1 
ATOM 198 C "C2'"  . DG A 1 7 ? -8.437  2.734  -5.713  1.00 0.15 ? 7   DG A "C2'"  1 
ATOM 199 C "C1'"  . DG A 1 7 ? -7.650  1.542  -5.181  1.00 0.13 ? 7   DG A "C1'"  1 
ATOM 200 N N9     . DG A 1 7 ? -7.917  1.345  -3.751  1.00 0.13 ? 7   DG A N9     1 
ATOM 201 C C8     . DG A 1 7 ? -8.562  2.157  -2.895  1.00 0.14 ? 7   DG A C8     1 
ATOM 202 N N7     . DG A 1 7 ? -8.705  1.759  -1.675  1.00 0.15 ? 7   DG A N7     1 
ATOM 203 C C5     . DG A 1 7 ? -8.069  0.514  -1.712  1.00 0.13 ? 7   DG A C5     1 
ATOM 204 C C6     . DG A 1 7 ? -7.876  -0.443 -0.680  1.00 0.14 ? 7   DG A C6     1 
ATOM 205 O O6     . DG A 1 7 ? -8.235  -0.385 0.490   1.00 0.18 ? 7   DG A O6     1 
ATOM 206 N N1     . DG A 1 7 ? -7.187  -1.553 -1.138  1.00 0.14 ? 7   DG A N1     1 
ATOM 207 C C2     . DG A 1 7 ? -6.735  -1.730 -2.427  1.00 0.13 ? 7   DG A C2     1 
ATOM 208 N N2     . DG A 1 7 ? -6.088  -2.863 -2.671  1.00 0.17 ? 7   DG A N2     1 
ATOM 209 N N3     . DG A 1 7 ? -6.910  -0.839 -3.405  1.00 0.13 ? 7   DG A N3     1 
ATOM 210 C C4     . DG A 1 7 ? -7.581  0.255  -2.982  1.00 0.12 ? 7   DG A C4     1 
ATOM 211 H "H5'"  . DG A 1 7 ? -4.455  3.397  -4.782  1.00 0.17 ? 7   DG A "H5'"  1 
ATOM 212 H "H5''" . DG A 1 7 ? -4.676  4.667  -6.005  1.00 0.17 ? 7   DG A "H5''" 1 
ATOM 213 H "H4'"  . DG A 1 7 ? -5.613  2.858  -7.076  1.00 0.15 ? 7   DG A "H4'"  1 
ATOM 214 H "H3'"  . DG A 1 7 ? -7.483  4.609  -5.768  1.00 0.16 ? 7   DG A "H3'"  1 
ATOM 215 H "H2'"  . DG A 1 7 ? -8.955  3.234  -4.916  1.00 0.17 ? 7   DG A "H2'"  1 
ATOM 216 H "H2''" . DG A 1 7 ? -9.156  2.408  -6.442  1.00 0.19 ? 7   DG A "H2''" 1 
ATOM 217 H "H1'"  . DG A 1 7 ? -7.941  0.647  -5.726  1.00 0.15 ? 7   DG A "H1'"  1 
ATOM 218 H H8     . DG A 1 7 ? -8.925  3.126  -3.225  1.00 0.17 ? 7   DG A H8     1 
ATOM 219 H H1     . DG A 1 7 ? -7.013  -2.277 -0.459  1.00 0.17 ? 7   DG A H1     1 
ATOM 220 H H21    . DG A 1 7 ? -5.954  -3.539 -1.934  1.00 0.19 ? 7   DG A H21    1 
ATOM 221 H H22    . DG A 1 7 ? -5.729  -3.047 -3.598  1.00 0.20 ? 7   DG A H22    1 
ATOM 222 P P      . DA A 1 8 ? -7.672  2.781  -8.794  1.00 0.27 ? 8   DA A P      1 
ATOM 223 O OP1    . DA A 1 8 ? -8.364  3.259  -10.013 1.00 0.39 ? 8   DA A OP1    1 
ATOM 224 O OP2    . DA A 1 8 ? -8.080  1.499  -8.173  1.00 0.35 ? 8   DA A OP2    1 
ATOM 225 O "O5'"  . DA A 1 8 ? -6.097  2.721  -9.100  1.00 0.21 ? 8   DA A "O5'"  1 
ATOM 226 C "C5'"  . DA A 1 8 ? -5.673  2.273  -10.375 1.00 0.20 ? 8   DA A "C5'"  1 
ATOM 227 C "C4'"  . DA A 1 8 ? -4.677  1.149  -10.295 1.00 0.20 ? 8   DA A "C4'"  1 
ATOM 228 O "O4'"  . DA A 1 8 ? -4.741  0.482  -9.046  1.00 0.20 ? 8   DA A "O4'"  1 
ATOM 229 C "C3'"  . DA A 1 8 ? -4.931  0.144  -11.391 1.00 0.20 ? 8   DA A "C3'"  1 
ATOM 230 O "O3'"  . DA A 1 8 ? -4.144  0.395  -12.573 1.00 0.23 ? 8   DA A "O3'"  1 
ATOM 231 C "C2'"  . DA A 1 8 ? -4.618  -1.167 -10.751 1.00 0.20 ? 8   DA A "C2'"  1 
ATOM 232 C "C1'"  . DA A 1 8 ? -4.586  -0.917 -9.262  1.00 0.20 ? 8   DA A "C1'"  1 
ATOM 233 N N9     . DA A 1 8 ? -5.646  -1.620 -8.569  1.00 0.16 ? 8   DA A N9     1 
ATOM 234 C C8     . DA A 1 8 ? -6.646  -1.086 -7.862  1.00 0.15 ? 8   DA A C8     1 
ATOM 235 N N7     . DA A 1 8 ? -7.466  -1.899 -7.278  1.00 0.14 ? 8   DA A N7     1 
ATOM 236 C C5     . DA A 1 8 ? -6.932  -3.142 -7.657  1.00 0.14 ? 8   DA A C5     1 
ATOM 237 C C6     . DA A 1 8 ? -7.307  -4.463 -7.392  1.00 0.16 ? 8   DA A C6     1 
ATOM 238 N N6     . DA A 1 8 ? -8.344  -4.786 -6.625  1.00 0.17 ? 8   DA A N6     1 
ATOM 239 N N1     . DA A 1 8 ? -6.558  -5.442 -7.935  1.00 0.18 ? 8   DA A N1     1 
ATOM 240 C C2     . DA A 1 8 ? -5.503  -5.141 -8.693  1.00 0.20 ? 8   DA A C2     1 
ATOM 241 N N3     . DA A 1 8 ? -5.057  -3.930 -9.001  1.00 0.20 ? 8   DA A N3     1 
ATOM 242 C C4     . DA A 1 8 ? -5.823  -2.972 -8.449  1.00 0.17 ? 8   DA A C4     1 
ATOM 243 H "H5'"  . DA A 1 8 ? -5.188  3.091  -10.860 1.00 0.24 ? 8   DA A "H5'"  1 
ATOM 244 H "H5''" . DA A 1 8 ? -6.537  1.960  -10.961 1.00 0.20 ? 8   DA A "H5''" 1 
ATOM 245 H "H4'"  . DA A 1 8 ? -3.681  1.545  -10.423 1.00 0.24 ? 8   DA A "H4'"  1 
ATOM 246 H "H3'"  . DA A 1 8 ? -5.999  0.163  -11.638 1.00 0.18 ? 8   DA A "H3'"  1 
ATOM 247 H "H2'"  . DA A 1 8 ? -5.376  -1.893 -11.022 1.00 0.20 ? 8   DA A "H2'"  1 
ATOM 248 H "H2''" . DA A 1 8 ? -3.652  -1.513 -11.058 1.00 0.24 ? 8   DA A "H2''" 1 
ATOM 249 H "H1'"  . DA A 1 8 ? -3.631  -1.217 -8.875  1.00 0.23 ? 8   DA A "H1'"  1 
ATOM 250 H H8     . DA A 1 8 ? -6.761  0.006  -7.812  1.00 0.16 ? 8   DA A H8     1 
ATOM 251 H H61    . DA A 1 8 ? -8.571  -5.756 -6.467  1.00 0.19 ? 8   DA A H61    1 
ATOM 252 H H62    . DA A 1 8 ? -8.901  -4.059 -6.197  1.00 0.17 ? 8   DA A H62    1 
ATOM 253 H H2     . DA A 1 8 ? -4.956  -5.980 -9.122  1.00 0.23 ? 8   DA A H2     1 
ATOM 254 P P      . DC A 1 9 ? -3.025  -0.642 -13.125 1.00 0.25 ? 9   DC A P      1 
ATOM 255 O OP1    . DC A 1 9 ? -2.055  -0.899 -12.039 1.00 0.27 ? 9   DC A OP1    1 
ATOM 256 O OP2    . DC A 1 9 ? -2.539  -0.127 -14.427 1.00 0.29 ? 9   DC A OP2    1 
ATOM 257 O "O5'"  . DC A 1 9 ? -3.837  -2.019 -13.426 1.00 0.25 ? 9   DC A "O5'"  1 
ATOM 258 C "C5'"  . DC A 1 9 ? -5.274  -2.089 -13.491 1.00 0.22 ? 9   DC A "C5'"  1 
ATOM 259 C "C4'"  . DC A 1 9 ? -5.847  -3.349 -12.820 1.00 0.21 ? 9   DC A "C4'"  1 
ATOM 260 O "O4'"  . DC A 1 9 ? -6.136  -3.170 -11.415 1.00 0.19 ? 9   DC A "O4'"  1 
ATOM 261 C "C3'"  . DC A 1 9 ? -7.156  -3.756 -13.477 1.00 0.22 ? 9   DC A "C3'"  1 
ATOM 262 O "O3'"  . DC A 1 9 ? -6.944  -4.659 -14.569 1.00 0.27 ? 9   DC A "O3'"  1 
ATOM 263 C "C2'"  . DC A 1 9 ? -7.951  -4.398 -12.378 1.00 0.21 ? 9   DC A "C2'"  1 
ATOM 264 C "C1'"  . DC A 1 9 ? -7.377  -3.858 -11.083 1.00 0.19 ? 9   DC A "C1'"  1 
ATOM 265 N N1     . DC A 1 9 ? -8.342  -2.939 -10.446 1.00 0.17 ? 9   DC A N1     1 
ATOM 266 C C2     . DC A 1 9 ? -9.297  -3.478 -9.590  1.00 0.18 ? 9   DC A C2     1 
ATOM 267 O O2     . DC A 1 9 ? -9.320  -4.689 -9.364  1.00 0.20 ? 9   DC A O2     1 
ATOM 268 N N3     . DC A 1 9 ? -10.198 -2.633 -9.020  1.00 0.18 ? 9   DC A N3     1 
ATOM 269 C C4     . DC A 1 9 ? -10.168 -1.320 -9.278  1.00 0.18 ? 9   DC A C4     1 
ATOM 270 N N4     . DC A 1 9 ? -11.069 -0.524 -8.703  1.00 0.21 ? 9   DC A N4     1 
ATOM 271 C C5     . DC A 1 9 ? -9.185  -0.766 -10.159 1.00 0.17 ? 9   DC A C5     1 
ATOM 272 C C6     . DC A 1 9 ? -8.302  -1.606 -10.712 1.00 0.17 ? 9   DC A C6     1 
ATOM 273 H "H5'"  . DC A 1 9 ? -5.562  -2.092 -14.520 1.00 0.26 ? 9   DC A "H5'"  1 
ATOM 274 H "H5''" . DC A 1 9 ? -5.697  -1.210 -13.023 1.00 0.21 ? 9   DC A "H5''" 1 
ATOM 275 H "H4'"  . DC A 1 9 ? -5.131  -4.164 -12.933 1.00 0.24 ? 9   DC A "H4'"  1 
ATOM 276 H "H3'"  . DC A 1 9 ? -7.682  -2.859 -13.820 1.00 0.22 ? 9   DC A "H3'"  1 
ATOM 277 H "H2'"  . DC A 1 9 ? -9.001  -4.128 -12.462 1.00 0.22 ? 9   DC A "H2'"  1 
ATOM 278 H "H2''" . DC A 1 9 ? -7.835  -5.481 -12.417 1.00 0.24 ? 9   DC A "H2''" 1 
ATOM 279 H "H1'"  . DC A 1 9 ? -7.166  -4.686 -10.408 1.00 0.22 ? 9   DC A "H1'"  1 
ATOM 280 H H41    . DC A 1 9 ? -11.762 -0.916 -8.077  1.00 0.24 ? 9   DC A H41    1 
ATOM 281 H H42    . DC A 1 9 ? -11.060 0.468  -8.891  1.00 0.23 ? 9   DC A H42    1 
ATOM 282 H H5     . DC A 1 9 ? -9.151  0.300  -10.381 1.00 0.19 ? 9   DC A H5     1 
ATOM 283 H H6     . DC A 1 9 ? -7.546  -1.217 -11.385 1.00 0.18 ? 9   DC A H6     1 
ATOM 284 O "O5'"  . DG B 1 1 ? 5.720   4.820  13.356  1.00 0.38 ? 101 DG B "O5'"  1 
ATOM 285 C "C5'"  . DG B 1 1 ? 6.588   5.954  13.315  1.00 0.32 ? 101 DG B "C5'"  1 
ATOM 286 C "C4'"  . DG B 1 1 ? 7.420   5.991  12.033  1.00 0.23 ? 101 DG B "C4'"  1 
ATOM 287 O "O4'"  . DG B 1 1 ? 8.314   4.856  11.936  1.00 0.24 ? 101 DG B "O4'"  1 
ATOM 288 C "C3'"  . DG B 1 1 ? 6.524   5.971  10.797  1.00 0.20 ? 101 DG B "C3'"  1 
ATOM 289 O "O3'"  . DG B 1 1 ? 6.798   7.094  9.946   1.00 0.19 ? 101 DG B "O3'"  1 
ATOM 290 C "C2'"  . DG B 1 1 ? 6.826   4.668  10.103  1.00 0.17 ? 101 DG B "C2'"  1 
ATOM 291 C "C1'"  . DG B 1 1 ? 8.169   4.241  10.634  1.00 0.17 ? 101 DG B "C1'"  1 
ATOM 292 N N9     . DG B 1 1 ? 8.319   2.768  10.720  1.00 0.18 ? 101 DG B N9     1 
ATOM 293 C C8     . DG B 1 1 ? 7.643   1.860  11.472  1.00 0.22 ? 101 DG B C8     1 
ATOM 294 N N7     . DG B 1 1 ? 8.033   0.631  11.425  1.00 0.23 ? 101 DG B N7     1 
ATOM 295 C C5     . DG B 1 1 ? 9.102   0.705  10.529  1.00 0.20 ? 101 DG B C5     1 
ATOM 296 C C6     . DG B 1 1 ? 9.959   -0.322 10.049  1.00 0.23 ? 101 DG B C6     1 
ATOM 297 O O6     . DG B 1 1 ? 9.950   -1.516 10.330  1.00 0.26 ? 101 DG B O6     1 
ATOM 298 N N1     . DG B 1 1 ? 10.899  0.176  9.161   1.00 0.24 ? 101 DG B N1     1 
ATOM 299 C C2     . DG B 1 1 ? 11.008  1.493  8.778   1.00 0.23 ? 101 DG B C2     1 
ATOM 300 N N2     . DG B 1 1 ? 11.967  1.775  7.905   1.00 0.29 ? 101 DG B N2     1 
ATOM 301 N N3     . DG B 1 1 ? 10.211  2.466  9.223   1.00 0.20 ? 101 DG B N3     1 
ATOM 302 C C4     . DG B 1 1 ? 9.282   2.008  10.091  1.00 0.18 ? 101 DG B C4     1 
ATOM 303 H "H5'"  . DG B 1 1 ? 7.260   5.922  14.174  1.00 0.38 ? 101 DG B "H5'"  1 
ATOM 304 H "H5''" . DG B 1 1 ? 5.986   6.864  13.372  1.00 0.36 ? 101 DG B "H5''" 1 
ATOM 305 H "H4'"  . DG B 1 1 ? 8.011   6.904  12.032  1.00 0.23 ? 101 DG B "H4'"  1 
ATOM 306 H "H3'"  . DG B 1 1 ? 5.478   5.983  11.090  1.00 0.26 ? 101 DG B "H3'"  1 
ATOM 307 H "H2'"  . DG B 1 1 ? 6.068   3.925  10.357  1.00 0.21 ? 101 DG B "H2'"  1 
ATOM 308 H "H2''" . DG B 1 1 ? 6.872   4.812  9.025   1.00 0.18 ? 101 DG B "H2''" 1 
ATOM 309 H "H1'"  . DG B 1 1 ? 8.922   4.641  9.963   1.00 0.17 ? 101 DG B "H1'"  1 
ATOM 310 H H8     . DG B 1 1 ? 6.789   2.148  12.077  1.00 0.26 ? 101 DG B H8     1 
ATOM 311 H H1     . DG B 1 1 ? 11.541  -0.500 8.773   1.00 0.28 ? 101 DG B H1     1 
ATOM 312 H H21    . DG B 1 1 ? 12.576  1.040  7.563   1.00 0.34 ? 101 DG B H21    1 
ATOM 313 H H22    . DG B 1 1 ? 12.081  2.723  7.571   1.00 0.31 ? 101 DG B H22    1 
ATOM 314 H "HO5'" . DG B 1 1 ? 5.004   5.033  13.962  1.00 0.59 ? 101 DG B "HO5'" 1 
ATOM 315 P P      . DA B 1 2 ? 8.290   7.699  9.743   1.00 0.17 ? 102 DA B P      1 
ATOM 316 O OP1    . DA B 1 2 ? 9.235   6.584  9.514   1.00 0.21 ? 102 DA B OP1    1 
ATOM 317 O OP2    . DA B 1 2 ? 8.547   8.683  10.818  1.00 0.21 ? 102 DA B OP2    1 
ATOM 318 O "O5'"  . DA B 1 2 ? 8.112   8.490  8.362   1.00 0.20 ? 102 DA B "O5'"  1 
ATOM 319 C "C5'"  . DA B 1 2 ? 6.955   8.220  7.579   1.00 0.18 ? 102 DA B "C5'"  1 
ATOM 320 C "C4'"  . DA B 1 2 ? 7.185   8.479  6.096   1.00 0.16 ? 102 DA B "C4'"  1 
ATOM 321 O "O4'"  . DA B 1 2 ? 8.393   7.837  5.630   1.00 0.16 ? 102 DA B "O4'"  1 
ATOM 322 C "C3'"  . DA B 1 2 ? 6.027   7.938  5.265   1.00 0.16 ? 102 DA B "C3'"  1 
ATOM 323 O "O3'"  . DA B 1 2 ? 5.363   8.979  4.552   1.00 0.19 ? 102 DA B "O3'"  1 
ATOM 324 C "C2'"  . DA B 1 2 ? 6.638   7.003  4.281   1.00 0.14 ? 102 DA B "C2'"  1 
ATOM 325 C "C1'"  . DA B 1 2 ? 8.098   7.032  4.466   1.00 0.15 ? 102 DA B "C1'"  1 
ATOM 326 N N9     . DA B 1 2 ? 8.465   5.649  4.641   1.00 0.14 ? 102 DA B N9     1 
ATOM 327 C C8     . DA B 1 2 ? 8.013   4.808  5.577   1.00 0.14 ? 102 DA B C8     1 
ATOM 328 N N7     . DA B 1 2 ? 8.247   3.559  5.423   1.00 0.15 ? 102 DA B N7     1 
ATOM 329 C C5     . DA B 1 2 ? 8.941   3.557  4.217   1.00 0.14 ? 102 DA B C5     1 
ATOM 330 C C6     . DA B 1 2 ? 9.488   2.540  3.437   1.00 0.16 ? 102 DA B C6     1 
ATOM 331 N N6     . DA B 1 2 ? 9.384   1.252  3.741   1.00 0.19 ? 102 DA B N6     1 
ATOM 332 N N1     . DA B 1 2 ? 10.098  2.903  2.304   1.00 0.17 ? 102 DA B N1     1 
ATOM 333 C C2     . DA B 1 2 ? 10.156  4.190  1.965   1.00 0.17 ? 102 DA B C2     1 
ATOM 334 N N3     . DA B 1 2 ? 9.677   5.222  2.621   1.00 0.16 ? 102 DA B N3     1 
ATOM 335 C C4     . DA B 1 2 ? 9.079   4.835  3.743   1.00 0.14 ? 102 DA B C4     1 
ATOM 336 H "H5'"  . DA B 1 2 ? 6.139   8.850  7.936   1.00 0.20 ? 102 DA B "H5'"  1 
ATOM 337 H "H5''" . DA B 1 2 ? 6.679   7.174  7.723   1.00 0.17 ? 102 DA B "H5''" 1 
ATOM 338 H "H4'"  . DA B 1 2 ? 7.270   9.553  5.931   1.00 0.19 ? 102 DA B "H4'"  1 
ATOM 339 H "H3'"  . DA B 1 2 ? 5.321   7.404  5.899   1.00 0.18 ? 102 DA B "H3'"  1 
ATOM 340 H "H2'"  . DA B 1 2 ? 6.318   5.981  4.414   1.00 0.15 ? 102 DA B "H2'"  1 
ATOM 341 H "H2''" . DA B 1 2 ? 6.394   7.324  3.311   1.00 0.15 ? 102 DA B "H2''" 1 
ATOM 342 H "H1'"  . DA B 1 2 ? 8.554   7.440  3.578   1.00 0.16 ? 102 DA B "H1'"  1 
ATOM 343 H H8     . DA B 1 2 ? 7.368   5.174  6.367   1.00 0.16 ? 102 DA B H8     1 
ATOM 344 H H61    . DA B 1 2 ? 9.802   0.556  3.140   1.00 0.21 ? 102 DA B H61    1 
ATOM 345 H H62    . DA B 1 2 ? 8.879   0.972  4.566   1.00 0.21 ? 102 DA B H62    1 
ATOM 346 H H2     . DA B 1 2 ? 10.642  4.417  1.045   1.00 0.19 ? 102 DA B H2     1 
ATOM 347 P P      . DC B 1 3 ? 6.169   9.911  3.502   1.00 0.21 ? 103 DC B P      1 
ATOM 348 O OP1    . DC B 1 3 ? 7.198   10.660 4.255   1.00 0.25 ? 103 DC B OP1    1 
ATOM 349 O OP2    . DC B 1 3 ? 5.163   10.656 2.709   1.00 0.27 ? 103 DC B OP2    1 
ATOM 350 O "O5'"  . DC B 1 3 ? 6.918   8.856  2.504   1.00 0.17 ? 103 DC B "O5'"  1 
ATOM 351 C "C5'"  . DC B 1 3 ? 6.453   8.728  1.152   1.00 0.16 ? 103 DC B "C5'"  1 
ATOM 352 C "C4'"  . DC B 1 3 ? 6.727   7.394  0.460   1.00 0.15 ? 103 DC B "C4'"  1 
ATOM 353 O "O4'"  . DC B 1 3 ? 6.886   6.309  1.395   1.00 0.13 ? 103 DC B "O4'"  1 
ATOM 354 C "C3'"  . DC B 1 3 ? 5.581   7.050  -0.487  1.00 0.15 ? 103 DC B "C3'"  1 
ATOM 355 O "O3'"  . DC B 1 3 ? 6.069   6.700  -1.796  1.00 0.17 ? 103 DC B "O3'"  1 
ATOM 356 C "C2'"  . DC B 1 3 ? 4.897   5.897  0.180   1.00 0.14 ? 103 DC B "C2'"  1 
ATOM 357 C "C1'"  . DC B 1 3 ? 5.937   5.277  1.083   1.00 0.13 ? 103 DC B "C1'"  1 
ATOM 358 N N1     . DC B 1 3 ? 5.321   4.778  2.291   1.00 0.12 ? 103 DC B N1     1 
ATOM 359 C C2     . DC B 1 3 ? 5.700   3.531  2.767   1.00 0.13 ? 103 DC B C2     1 
ATOM 360 O O2     . DC B 1 3 ? 6.531   2.857  2.158   1.00 0.15 ? 103 DC B O2     1 
ATOM 361 N N3     . DC B 1 3 ? 5.124   3.086  3.911   1.00 0.15 ? 103 DC B N3     1 
ATOM 362 C C4     . DC B 1 3 ? 4.220   3.833  4.548   1.00 0.15 ? 103 DC B C4     1 
ATOM 363 N N4     . DC B 1 3 ? 3.679   3.370  5.674   1.00 0.18 ? 103 DC B N4     1 
ATOM 364 C C5     . DC B 1 3 ? 3.837   5.120  4.041   1.00 0.15 ? 103 DC B C5     1 
ATOM 365 C C6     . DC B 1 3 ? 4.415   5.545  2.914   1.00 0.13 ? 103 DC B C6     1 
ATOM 366 H "H5'"  . DC B 1 3 ? 6.937   9.466  0.582   1.00 0.19 ? 103 DC B "H5'"  1 
ATOM 367 H "H5''" . DC B 1 3 ? 5.400   8.922  1.134   1.00 0.18 ? 103 DC B "H5''" 1 
ATOM 368 H "H4'"  . DC B 1 3 ? 7.627   7.489  -0.138  1.00 0.17 ? 103 DC B "H4'"  1 
ATOM 369 H "H3'"  . DC B 1 3 ? 4.888   7.891  -0.563  1.00 0.17 ? 103 DC B "H3'"  1 
ATOM 370 H "H2'"  . DC B 1 3 ? 4.050   6.257  0.754   1.00 0.16 ? 103 DC B "H2'"  1 
ATOM 371 H "H2''" . DC B 1 3 ? 4.563   5.182  -0.521  1.00 0.16 ? 103 DC B "H2''" 1 
ATOM 372 H "H1'"  . DC B 1 3 ? 6.428   4.463  0.555   1.00 0.13 ? 103 DC B "H1'"  1 
ATOM 373 H H41    . DC B 1 3 ? 3.951   2.462  6.028   1.00 0.21 ? 103 DC B H41    1 
ATOM 374 H H42    . DC B 1 3 ? 2.998   3.923  6.174   1.00 0.20 ? 103 DC B H42    1 
ATOM 375 H H5     . DC B 1 3 ? 3.097   5.719  4.534   1.00 0.17 ? 103 DC B H5     1 
ATOM 376 H H6     . DC B 1 3 ? 4.160   6.534  2.479   1.00 0.15 ? 103 DC B H6     1 
ATOM 377 P P      . DG B 1 4 ? 6.957   5.375  -2.052  1.00 0.17 ? 104 DG B P      1 
ATOM 378 O OP1    . DG B 1 4 ? 8.118   5.401  -1.135  1.00 0.20 ? 104 DG B OP1    1 
ATOM 379 O OP2    . DG B 1 4 ? 7.174   5.242  -3.510  1.00 0.23 ? 104 DG B OP2    1 
ATOM 380 O "O5'"  . DG B 1 4 ? 5.965   4.197  -1.582  1.00 0.16 ? 104 DG B "O5'"  1 
ATOM 381 C "C5'"  . DG B 1 4 ? 6.330   2.822  -1.724  1.00 0.15 ? 104 DG B "C5'"  1 
ATOM 382 C "C4'"  . DG B 1 4 ? 5.135   1.968  -2.111  1.00 0.12 ? 104 DG B "C4'"  1 
ATOM 383 O "O4'"  . DG B 1 4 ? 4.163   1.974  -1.055  1.00 0.12 ? 104 DG B "O4'"  1 
ATOM 384 C "C3'"  . DG B 1 4 ? 4.478   2.517  -3.363  1.00 0.12 ? 104 DG B "C3'"  1 
ATOM 385 O "O3'"  . DG B 1 4 ? 4.315   1.506  -4.347  1.00 0.15 ? 104 DG B "O3'"  1 
ATOM 386 C "C2'"  . DG B 1 4 ? 3.169   3.083  -2.911  1.00 0.13 ? 104 DG B "C2'"  1 
ATOM 387 C "C1'"  . DG B 1 4 ? 2.924   2.523  -1.522  1.00 0.11 ? 104 DG B "C1'"  1 
ATOM 388 N N9     . DG B 1 4 ? 2.440   3.564  -0.604  1.00 0.10 ? 104 DG B N9     1 
ATOM 389 C C8     . DG B 1 4 ? 2.190   4.866  -0.845  1.00 0.12 ? 104 DG B C8     1 
ATOM 390 N N7     . DG B 1 4 ? 1.742   5.584  0.131   1.00 0.13 ? 104 DG B N7     1 
ATOM 391 C C5     . DG B 1 4 ? 1.689   4.645  1.166   1.00 0.12 ? 104 DG B C5     1 
ATOM 392 C C6     . DG B 1 4 ? 1.280   4.797  2.519   1.00 0.14 ? 104 DG B C6     1 
ATOM 393 O O6     . DG B 1 4 ? 0.881   5.806  3.092   1.00 0.18 ? 104 DG B O6     1 
ATOM 394 N N1     . DG B 1 4 ? 1.387   3.604  3.216   1.00 0.15 ? 104 DG B N1     1 
ATOM 395 C C2     . DG B 1 4 ? 1.832   2.415  2.685   1.00 0.14 ? 104 DG B C2     1 
ATOM 396 N N2     . DG B 1 4 ? 1.888   1.388  3.514   1.00 0.18 ? 104 DG B N2     1 
ATOM 397 N N3     . DG B 1 4 ? 2.213   2.261  1.420   1.00 0.12 ? 104 DG B N3     1 
ATOM 398 C C4     . DG B 1 4 ? 2.118   3.407  0.720   1.00 0.10 ? 104 DG B C4     1 
ATOM 399 H "H5'"  . DG B 1 4 ? 6.722   2.460  -0.778  1.00 0.17 ? 104 DG B "H5'"  1 
ATOM 400 H "H5''" . DG B 1 4 ? 7.095   2.733  -2.492  1.00 0.17 ? 104 DG B "H5''" 1 
ATOM 401 H "H4'"  . DG B 1 4 ? 5.460   0.948  -2.292  1.00 0.14 ? 104 DG B "H4'"  1 
ATOM 402 H "H3'"  . DG B 1 4 ? 5.085   3.306  -3.764  1.00 0.14 ? 104 DG B "H3'"  1 
ATOM 403 H "H2'"  . DG B 1 4 ? 3.249   4.163  -2.872  1.00 0.15 ? 104 DG B "H2'"  1 
ATOM 404 H "H2''" . DG B 1 4 ? 2.366   2.802  -3.580  1.00 0.15 ? 104 DG B "H2''" 1 
ATOM 405 H "H1'"  . DG B 1 4 ? 2.190   1.730  -1.584  1.00 0.14 ? 104 DG B "H1'"  1 
ATOM 406 H H8     . DG B 1 4 ? 2.398   5.296  -1.820  1.00 0.13 ? 104 DG B H8     1 
ATOM 407 H H1     . DG B 1 4 ? 1.110   3.631  4.183   1.00 0.18 ? 104 DG B H1     1 
ATOM 408 H H21    . DG B 1 4 ? 1.601   1.495  4.475   1.00 0.21 ? 104 DG B H21    1 
ATOM 409 H H22    . DG B 1 4 ? 2.217   0.490  3.183   1.00 0.20 ? 104 DG B H22    1 
ATOM 410 P P      . DA B 1 5 ? 5.608   0.887  -5.084  1.00 0.17 ? 105 DA B P      1 
ATOM 411 O OP1    . DA B 1 5 ? 6.826   1.321  -4.364  1.00 0.21 ? 105 DA B OP1    1 
ATOM 412 O OP2    . DA B 1 5 ? 5.478   1.134  -6.536  1.00 0.23 ? 105 DA B OP2    1 
ATOM 413 O "O5'"  . DA B 1 5 ? 5.394   -0.673 -4.818  1.00 0.15 ? 105 DA B "O5'"  1 
ATOM 414 C "C5'"  . DA B 1 5 ? 4.110   -1.225 -5.066  1.00 0.13 ? 105 DA B "C5'"  1 
ATOM 415 C "C4'"  . DA B 1 5 ? 3.924   -2.571 -4.360  1.00 0.13 ? 105 DA B "C4'"  1 
ATOM 416 O "O4'"  . DA B 1 5 ? 4.130   -2.507 -2.925  1.00 0.13 ? 105 DA B "O4'"  1 
ATOM 417 C "C3'"  . DA B 1 5 ? 2.538   -3.141 -4.551  1.00 0.13 ? 105 DA B "C3'"  1 
ATOM 418 O "O3'"  . DA B 1 5 ? 2.407   -3.829 -5.796  1.00 0.16 ? 105 DA B "O3'"  1 
ATOM 419 C "C2'"  . DA B 1 5 ? 2.410   -4.065 -3.389  1.00 0.12 ? 105 DA B "C2'"  1 
ATOM 420 C "C1'"  . DA B 1 5 ? 3.182   -3.413 -2.288  1.00 0.11 ? 105 DA B "C1'"  1 
ATOM 421 N N9     . DA B 1 5 ? 2.238   -2.692 -1.452  1.00 0.11 ? 105 DA B N9     1 
ATOM 422 C C8     . DA B 1 5 ? 1.855   -1.418 -1.558  1.00 0.12 ? 105 DA B C8     1 
ATOM 423 N N7     . DA B 1 5 ? 0.852   -1.029 -0.843  1.00 0.12 ? 105 DA B N7     1 
ATOM 424 C C5     . DA B 1 5 ? 0.523   -2.212 -0.166  1.00 0.10 ? 105 DA B C5     1 
ATOM 425 C C6     . DA B 1 5 ? -0.468  -2.535 0.768   1.00 0.10 ? 105 DA B C6     1 
ATOM 426 N N6     . DA B 1 5 ? -1.383  -1.667 1.187   1.00 0.13 ? 105 DA B N6     1 
ATOM 427 N N1     . DA B 1 5 ? -0.499  -3.797 1.227   1.00 0.11 ? 105 DA B N1     1 
ATOM 428 C C2     . DA B 1 5 ? 0.389   -4.696 0.794   1.00 0.11 ? 105 DA B C2     1 
ATOM 429 N N3     . DA B 1 5 ? 1.363   -4.499 -0.088  1.00 0.11 ? 105 DA B N3     1 
ATOM 430 C C4     . DA B 1 5 ? 1.372   -3.227 -0.530  1.00 0.10 ? 105 DA B C4     1 
ATOM 431 H "H5'"  . DA B 1 5 ? 4.004   -1.368 -6.139  1.00 0.16 ? 105 DA B "H5'"  1 
ATOM 432 H "H5''" . DA B 1 5 ? 3.357   -0.514 -4.730  1.00 0.14 ? 105 DA B "H5''" 1 
ATOM 433 H "H4'"  . DA B 1 5 ? 4.634   -3.277 -4.773  1.00 0.14 ? 105 DA B "H4'"  1 
ATOM 434 H "H3'"  . DA B 1 5 ? 1.790   -2.357 -4.457  1.00 0.14 ? 105 DA B "H3'"  1 
ATOM 435 H "H2'"  . DA B 1 5 ? 1.381   -4.211 -3.106  1.00 0.12 ? 105 DA B "H2'"  1 
ATOM 436 H "H2''" . DA B 1 5 ? 2.853   -5.007 -3.630  1.00 0.13 ? 105 DA B "H2''" 1 
ATOM 437 H "H1'"  . DA B 1 5 ? 3.695   -4.166 -1.710  1.00 0.13 ? 105 DA B "H1'"  1 
ATOM 438 H H8     . DA B 1 5 ? 2.367   -0.755 -2.253  1.00 0.14 ? 105 DA B H8     1 
ATOM 439 H H61    . DA B 1 5 ? -2.077  -1.952 1.862   1.00 0.14 ? 105 DA B H61    1 
ATOM 440 H H62    . DA B 1 5 ? -1.384  -0.722 0.828   1.00 0.15 ? 105 DA B H62    1 
ATOM 441 H H2     . DA B 1 5 ? 0.310   -5.700 1.212   1.00 0.13 ? 105 DA B H2     1 
ATOM 442 P P      . DC B 1 6 ? 3.139   -5.241 -6.014  1.00 0.19 ? 106 DC B P      1 
ATOM 443 O OP1    . DC B 1 6 ? 4.593   -5.047 -5.814  1.00 0.22 ? 106 DC B OP1    1 
ATOM 444 O OP2    . DC B 1 6 ? 2.638   -5.828 -7.278  1.00 0.26 ? 106 DC B OP2    1 
ATOM 445 O "O5'"  . DC B 1 6 ? 2.563   -6.108 -4.776  1.00 0.17 ? 106 DC B "O5'"  1 
ATOM 446 C "C5'"  . DC B 1 6 ? 1.293   -6.739 -4.899  1.00 0.16 ? 106 DC B "C5'"  1 
ATOM 447 C "C4'"  . DC B 1 6 ? 0.442   -6.786 -3.627  1.00 0.14 ? 106 DC B "C4'"  1 
ATOM 448 O "O4'"  . DC B 1 6 ? 0.290   -5.499 -2.994  1.00 0.14 ? 106 DC B "O4'"  1 
ATOM 449 C "C3'"  . DC B 1 6 ? -0.936  -7.284 -4.007  1.00 0.16 ? 106 DC B "C3'"  1 
ATOM 450 O "O3'"  . DC B 1 6 ? -1.322  -8.392 -3.171  1.00 0.18 ? 106 DC B "O3'"  1 
ATOM 451 C "C2'"  . DC B 1 6 ? -1.832  -6.081 -3.863  1.00 0.14 ? 106 DC B "C2'"  1 
ATOM 452 C "C1'"  . DC B 1 6 ? -1.104  -5.136 -2.943  1.00 0.13 ? 106 DC B "C1'"  1 
ATOM 453 N N1     . DC B 1 6 ? -1.253  -3.741 -3.367  1.00 0.14 ? 106 DC B N1     1 
ATOM 454 C C2     . DC B 1 6 ? -1.977  -2.875 -2.564  1.00 0.18 ? 106 DC B C2     1 
ATOM 455 O O2     . DC B 1 6 ? -2.536  -3.289 -1.552  1.00 0.22 ? 106 DC B O2     1 
ATOM 456 N N3     . DC B 1 6 ? -2.041  -1.566 -2.929  1.00 0.20 ? 106 DC B N3     1 
ATOM 457 C C4     . DC B 1 6 ? -1.420  -1.131 -4.032  1.00 0.17 ? 106 DC B C4     1 
ATOM 458 N N4     . DC B 1 6 ? -1.497  0.159  -4.353  1.00 0.20 ? 106 DC B N4     1 
ATOM 459 C C5     . DC B 1 6 ? -0.677  -2.031 -4.861  1.00 0.14 ? 106 DC B C5     1 
ATOM 460 C C6     . DC B 1 6 ? -0.627  -3.318 -4.488  1.00 0.12 ? 106 DC B C6     1 
ATOM 461 H "H5'"  . DC B 1 6 ? 1.464   -7.735 -5.196  1.00 0.17 ? 106 DC B "H5'"  1 
ATOM 462 H "H5''" . DC B 1 6 ? 0.728   -6.243 -5.686  1.00 0.17 ? 106 DC B "H5''" 1 
ATOM 463 H "H4'"  . DC B 1 6 ? 0.882   -7.478 -2.914  1.00 0.15 ? 106 DC B "H4'"  1 
ATOM 464 H "H3'"  . DC B 1 6 ? -0.929  -7.599 -5.054  1.00 0.19 ? 106 DC B "H3'"  1 
ATOM 465 H "H2'"  . DC B 1 6 ? -1.971  -5.612 -4.827  1.00 0.15 ? 106 DC B "H2'"  1 
ATOM 466 H "H2''" . DC B 1 6 ? -2.788  -6.353 -3.444  1.00 0.15 ? 106 DC B "H2''" 1 
ATOM 467 H "H1'"  . DC B 1 6 ? -1.491  -5.265 -1.932  1.00 0.15 ? 106 DC B "H1'"  1 
ATOM 468 H H41    . DC B 1 6 ? -2.021  0.794  -3.767  1.00 0.25 ? 106 DC B H41    1 
ATOM 469 H H42    . DC B 1 6 ? -1.030  0.503  -5.180  1.00 0.21 ? 106 DC B H42    1 
ATOM 470 H H5     . DC B 1 6 ? -0.156  -1.684 -5.750  1.00 0.15 ? 106 DC B H5     1 
ATOM 471 H H6     . DC B 1 6 ? -0.084  -4.043 -5.095  1.00 0.13 ? 106 DC B H6     1 
ATOM 472 P P      . DG B 1 7 ? -2.235  -8.203 -1.859  1.00 0.16 ? 107 DG B P      1 
ATOM 473 O OP1    . DG B 1 7 ? -1.620  -7.163 -1.002  1.00 0.19 ? 107 DG B OP1    1 
ATOM 474 O OP2    . DG B 1 7 ? -2.530  -9.541 -1.301  1.00 0.23 ? 107 DG B OP2    1 
ATOM 475 O "O5'"  . DG B 1 7 ? -3.584  -7.611 -2.494  1.00 0.15 ? 107 DG B "O5'"  1 
ATOM 476 C "C5'"  . DG B 1 7 ? -4.525  -6.910 -1.688  1.00 0.14 ? 107 DG B "C5'"  1 
ATOM 477 C "C4'"  . DG B 1 7 ? -5.805  -6.621 -2.453  1.00 0.13 ? 107 DG B "C4'"  1 
ATOM 478 O "O4'"  . DG B 1 7 ? -5.685  -5.390 -3.194  1.00 0.15 ? 107 DG B "O4'"  1 
ATOM 479 C "C3'"  . DG B 1 7 ? -6.092  -7.750 -3.435  1.00 0.14 ? 107 DG B "C3'"  1 
ATOM 480 O "O3'"  . DG B 1 7 ? -7.297  -8.457 -3.142  1.00 0.21 ? 107 DG B "O3'"  1 
ATOM 481 C "C2'"  . DG B 1 7 ? -6.145  -7.115 -4.791  1.00 0.15 ? 107 DG B "C2'"  1 
ATOM 482 C "C1'"  . DG B 1 7 ? -5.922  -5.621 -4.596  1.00 0.13 ? 107 DG B "C1'"  1 
ATOM 483 N N9     . DG B 1 7 ? -4.781  -5.161 -5.400  1.00 0.13 ? 107 DG B N9     1 
ATOM 484 C C8     . DG B 1 7 ? -3.871  -5.894 -6.066  1.00 0.14 ? 107 DG B C8     1 
ATOM 485 N N7     . DG B 1 7 ? -2.965  -5.267 -6.737  1.00 0.15 ? 107 DG B N7     1 
ATOM 486 C C5     . DG B 1 7 ? -3.305  -3.934 -6.490  1.00 0.13 ? 107 DG B C5     1 
ATOM 487 C C6     . DG B 1 7 ? -2.694  -2.736 -6.943  1.00 0.14 ? 107 DG B C6     1 
ATOM 488 O O6     . DG B 1 7 ? -1.713  -2.607 -7.669  1.00 0.18 ? 107 DG B O6     1 
ATOM 489 N N1     . DG B 1 7 ? -3.349  -1.615 -6.461  1.00 0.14 ? 107 DG B N1     1 
ATOM 490 C C2     . DG B 1 7 ? -4.455  -1.634 -5.642  1.00 0.14 ? 107 DG B C2     1 
ATOM 491 N N2     . DG B 1 7 ? -4.938  -0.452 -5.281  1.00 0.17 ? 107 DG B N2     1 
ATOM 492 N N3     . DG B 1 7 ? -5.041  -2.753 -5.210  1.00 0.13 ? 107 DG B N3     1 
ATOM 493 C C4     . DG B 1 7 ? -4.420  -3.861 -5.667  1.00 0.12 ? 107 DG B C4     1 
ATOM 494 H "H5'"  . DG B 1 7 ? -4.084  -5.966 -1.385  1.00 0.17 ? 107 DG B "H5'"  1 
ATOM 495 H "H5''" . DG B 1 7 ? -4.759  -7.505 -0.804  1.00 0.17 ? 107 DG B "H5''" 1 
ATOM 496 H "H4'"  . DG B 1 7 ? -6.623  -6.535 -1.744  1.00 0.15 ? 107 DG B "H4'"  1 
ATOM 497 H "H3'"  . DG B 1 7 ? -5.260  -8.438 -3.415  1.00 0.17 ? 107 DG B "H3'"  1 
ATOM 498 H "H2'"  . DG B 1 7 ? -5.373  -7.539 -5.404  1.00 0.16 ? 107 DG B "H2'"  1 
ATOM 499 H "H2''" . DG B 1 7 ? -7.096  -7.290 -5.260  1.00 0.18 ? 107 DG B "H2''" 1 
ATOM 500 H "H1'"  . DG B 1 7 ? -6.815  -5.080 -4.902  1.00 0.16 ? 107 DG B "H1'"  1 
ATOM 501 H H8     . DG B 1 7 ? -3.893  -6.978 -6.013  1.00 0.16 ? 107 DG B H8     1 
ATOM 502 H H1     . DG B 1 7 ? -2.968  -0.724 -6.743  1.00 0.17 ? 107 DG B H1     1 
ATOM 503 H H21    . DG B 1 7 ? -4.499  0.396  -5.606  1.00 0.19 ? 107 DG B H21    1 
ATOM 504 H H22    . DG B 1 7 ? -5.747  -0.402 -4.677  1.00 0.20 ? 107 DG B H22    1 
ATOM 505 P P      . DA B 1 8 ? -8.696  -7.698 -2.990  1.00 0.27 ? 108 DA B P      1 
ATOM 506 O OP1    . DA B 1 8 ? -9.777  -8.707 -3.045  1.00 0.39 ? 108 DA B OP1    1 
ATOM 507 O OP2    . DA B 1 8 ? -8.719  -6.544 -3.921  1.00 0.35 ? 108 DA B OP2    1 
ATOM 508 O "O5'"  . DA B 1 8 ? -8.604  -7.137 -1.488  1.00 0.21 ? 108 DA B "O5'"  1 
ATOM 509 C "C5'"  . DA B 1 8 ? -9.806  -6.923 -0.771  1.00 0.20 ? 108 DA B "C5'"  1 
ATOM 510 C "C4'"  . DA B 1 8 ? -9.911  -5.532 -0.210  1.00 0.20 ? 108 DA B "C4'"  1 
ATOM 511 O "O4'"  . DA B 1 8 ? -9.058  -4.628 -0.895  1.00 0.20 ? 108 DA B "O4'"  1 
ATOM 512 C "C3'"  . DA B 1 8 ? -11.328 -5.029 -0.314  1.00 0.19 ? 108 DA B "C3'"  1 
ATOM 513 O "O3'"  . DA B 1 8 ? -12.099 -5.276 0.882   1.00 0.22 ? 108 DA B "O3'"  1 
ATOM 514 C "C2'"  . DA B 1 8 ? -11.169 -3.576 -0.615  1.00 0.20 ? 108 DA B "C2'"  1 
ATOM 515 C "C1'"  . DA B 1 8 ? -9.736  -3.386 -1.054  1.00 0.20 ? 108 DA B "C1'"  1 
ATOM 516 N N9     . DA B 1 8 ? -9.640  -2.972 -2.439  1.00 0.17 ? 108 DA B N9     1 
ATOM 517 C C8     . DA B 1 8 ? -9.054  -3.631 -3.444  1.00 0.15 ? 108 DA B C8     1 
ATOM 518 N N7     . DA B 1 8 ? -9.038  -3.058 -4.603  1.00 0.14 ? 108 DA B N7     1 
ATOM 519 C C5     . DA B 1 8 ? -9.710  -1.856 -4.324  1.00 0.15 ? 108 DA B C5     1 
ATOM 520 C C6     . DA B 1 8 ? -10.058 -0.752 -5.109  1.00 0.16 ? 108 DA B C6     1 
ATOM 521 N N6     . DA B 1 8 ? -9.748  -0.648 -6.397  1.00 0.17 ? 108 DA B N6     1 
ATOM 522 N N1     . DA B 1 8 ? -10.726 0.250  -4.508  1.00 0.19 ? 108 DA B N1     1 
ATOM 523 C C2     . DA B 1 8 ? -11.031 0.175  -3.210  1.00 0.21 ? 108 DA B C2     1 
ATOM 524 N N3     . DA B 1 8 ? -10.746 -0.816 -2.376  1.00 0.20 ? 108 DA B N3     1 
ATOM 525 C C4     . DA B 1 8 ? -10.081 -1.805 -3.002  1.00 0.17 ? 108 DA B C4     1 
ATOM 526 H "H5'"  . DA B 1 8 ? -9.815  -7.599 0.055   1.00 0.25 ? 108 DA B "H5'"  1 
ATOM 527 H "H5''" . DA B 1 8 ? -10.660 -7.125 -1.420  1.00 0.20 ? 108 DA B "H5''" 1 
ATOM 528 H "H4'"  . DA B 1 8 ? -9.631  -5.546 0.831   1.00 0.24 ? 108 DA B "H4'"  1 
ATOM 529 H "H3'"  . DA B 1 8 ? -11.804 -5.511 -1.176  1.00 0.18 ? 108 DA B "H3'"  1 
ATOM 530 H "H2'"  . DA B 1 8 ? -11.869 -3.288 -1.391  1.00 0.20 ? 108 DA B "H2'"  1 
ATOM 531 H "H2''" . DA B 1 8 ? -11.335 -2.990 0.265   1.00 0.24 ? 108 DA B "H2''" 1 
ATOM 532 H "H1'"  . DA B 1 8 ? -9.267  -2.659 -0.419  1.00 0.23 ? 108 DA B "H1'"  1 
ATOM 533 H H8     . DA B 1 8 ? -8.630  -4.630 -3.271  1.00 0.16 ? 108 DA B H8     1 
ATOM 534 H H61    . DA B 1 8 ? -10.025 0.171  -6.917  1.00 0.19 ? 108 DA B H61    1 
ATOM 535 H H62    . DA B 1 8 ? -9.230  -1.386 -6.854  1.00 0.19 ? 108 DA B H62    1 
ATOM 536 H H2     . DA B 1 8 ? -11.594 1.008  -2.794  1.00 0.24 ? 108 DA B H2     1 
ATOM 537 P P      . DC B 1 9 ? -12.710 -4.087 1.802   1.00 0.24 ? 109 DC B P      1 
ATOM 538 O OP1    . DC B 1 9 ? -11.591 -3.214 2.222   1.00 0.27 ? 109 DC B OP1    1 
ATOM 539 O OP2    . DC B 1 9 ? -13.577 -4.704 2.830   1.00 0.30 ? 109 DC B OP2    1 
ATOM 540 O "O5'"  . DC B 1 9 ? -13.647 -3.226 0.790   1.00 0.25 ? 109 DC B "O5'"  1 
ATOM 541 C "C5'"  . DC B 1 9 ? -14.112 -3.738 -0.472  1.00 0.22 ? 109 DC B "C5'"  1 
ATOM 542 C "C4'"  . DC B 1 9 ? -14.146 -2.652 -1.561  1.00 0.21 ? 109 DC B "C4'"  1 
ATOM 543 O "O4'"  . DC B 1 9 ? -12.891 -2.537 -2.274  1.00 0.19 ? 109 DC B "O4'"  1 
ATOM 544 C "C3'"  . DC B 1 9 ? -15.203 -2.958 -2.605  1.00 0.22 ? 109 DC B "C3'"  1 
ATOM 545 O "O3'"  . DC B 1 9 ? -16.464 -2.371 -2.269  1.00 0.26 ? 109 DC B "O3'"  1 
ATOM 546 C "C2'"  . DC B 1 9 ? -14.653 -2.389 -3.882  1.00 0.21 ? 109 DC B "C2'"  1 
ATOM 547 C "C1'"  . DC B 1 9 ? -13.152 -2.305 -3.688  1.00 0.19 ? 109 DC B "C1'"  1 
ATOM 548 N N1     . DC B 1 9 ? -12.475 -3.312 -4.532  1.00 0.17 ? 109 DC B N1     1 
ATOM 549 C C2     . DC B 1 9 ? -12.146 -2.960 -5.837  1.00 0.18 ? 109 DC B C2     1 
ATOM 550 O O2     . DC B 1 9 ? -12.402 -1.834 -6.264  1.00 0.21 ? 109 DC B O2     1 
ATOM 551 N N3     . DC B 1 9 ? -11.542 -3.895 -6.621  1.00 0.19 ? 109 DC B N3     1 
ATOM 552 C C4     . DC B 1 9 ? -11.274 -5.118 -6.149  1.00 0.17 ? 109 DC B C4     1 
ATOM 553 N N4     . DC B 1 9 ? -10.685 -6.008 -6.948  1.00 0.21 ? 109 DC B N4     1 
ATOM 554 C C5     . DC B 1 9 ? -11.613 -5.479 -4.806  1.00 0.17 ? 109 DC B C5     1 
ATOM 555 C C6     . DC B 1 9 ? -12.205 -4.552 -4.043  1.00 0.16 ? 109 DC B C6     1 
ATOM 556 H "H5'"  . DC B 1 9 ? -15.106 -4.118 -0.345  1.00 0.25 ? 109 DC B "H5'"  1 
ATOM 557 H "H5''" . DC B 1 9 ? -13.475 -4.552 -0.788  1.00 0.22 ? 109 DC B "H5''" 1 
ATOM 558 H "H4'"  . DC B 1 9 ? -14.374 -1.693 -1.096  1.00 0.24 ? 109 DC B "H4'"  1 
ATOM 559 H "H3'"  . DC B 1 9 ? -15.302 -4.043 -2.712  1.00 0.21 ? 109 DC B "H3'"  1 
ATOM 560 H "HO3'" . DC B 1 9 ? -16.754 -2.769 -1.444  1.00 0.76 ? 109 DC B "HO3'" 1 
ATOM 561 H "H2'"  . DC B 1 9 ? -14.885 -3.042 -4.719  1.00 0.22 ? 109 DC B "H2'"  1 
ATOM 562 H "H2''" . DC B 1 9 ? -15.064 -1.394 -4.054  1.00 0.25 ? 109 DC B "H2''" 1 
ATOM 563 H "H1'"  . DC B 1 9 ? -12.806 -1.311 -3.963  1.00 0.22 ? 109 DC B "H1'"  1 
ATOM 564 H H41    . DC B 1 9 ? -10.442 -5.751 -7.895  1.00 0.24 ? 109 DC B H41    1 
ATOM 565 H H42    . DC B 1 9 ? -10.479 -6.935 -6.606  1.00 0.23 ? 109 DC B H42    1 
ATOM 566 H H5     . DC B 1 9 ? -11.405 -6.472 -4.410  1.00 0.19 ? 109 DC B H5     1 
ATOM 567 H H6     . DC B 1 9 ? -12.475 -4.795 -3.022  1.00 0.18 ? 109 DC B H6     1 
# 
